data_1V3N
# 
_entry.id   1V3N 
# 
_audit_conform.dict_name       mmcif_pdbx.dic 
_audit_conform.dict_version    5.383 
_audit_conform.dict_location   http://mmcif.pdb.org/dictionaries/ascii/mmcif_pdbx.dic 
# 
loop_
_database_2.database_id 
_database_2.database_code 
_database_2.pdbx_database_accession 
_database_2.pdbx_DOI 
PDB   1V3N         pdb_00001v3n 10.2210/pdb1v3n/pdb 
NDB   UD0046       ?            ?                   
RCSB  RCSB006164   ?            ?                   
WWPDB D_1000006164 ?            ?                   
# 
loop_
_pdbx_audit_revision_history.ordinal 
_pdbx_audit_revision_history.data_content_type 
_pdbx_audit_revision_history.major_revision 
_pdbx_audit_revision_history.minor_revision 
_pdbx_audit_revision_history.revision_date 
1 'Structure model' 1 0 2004-06-08 
2 'Structure model' 1 1 2008-04-27 
3 'Structure model' 1 2 2011-07-13 
4 'Structure model' 1 3 2023-12-27 
# 
_pdbx_audit_revision_details.ordinal             1 
_pdbx_audit_revision_details.revision_ordinal    1 
_pdbx_audit_revision_details.data_content_type   'Structure model' 
_pdbx_audit_revision_details.provider            repository 
_pdbx_audit_revision_details.type                'Initial release' 
_pdbx_audit_revision_details.description         ? 
_pdbx_audit_revision_details.details             ? 
# 
loop_
_pdbx_audit_revision_group.ordinal 
_pdbx_audit_revision_group.revision_ordinal 
_pdbx_audit_revision_group.data_content_type 
_pdbx_audit_revision_group.group 
1 2 'Structure model' 'Version format compliance' 
2 3 'Structure model' 'Version format compliance' 
3 4 'Structure model' 'Data collection'           
4 4 'Structure model' 'Database references'       
5 4 'Structure model' 'Derived calculations'      
# 
loop_
_pdbx_audit_revision_category.ordinal 
_pdbx_audit_revision_category.revision_ordinal 
_pdbx_audit_revision_category.data_content_type 
_pdbx_audit_revision_category.category 
1 4 'Structure model' chem_comp_atom         
2 4 'Structure model' chem_comp_bond         
3 4 'Structure model' database_2             
4 4 'Structure model' pdbx_struct_conn_angle 
5 4 'Structure model' struct_conn            
6 4 'Structure model' struct_site            
# 
loop_
_pdbx_audit_revision_item.ordinal 
_pdbx_audit_revision_item.revision_ordinal 
_pdbx_audit_revision_item.data_content_type 
_pdbx_audit_revision_item.item 
1  4 'Structure model' '_database_2.pdbx_DOI'                        
2  4 'Structure model' '_database_2.pdbx_database_accession'         
3  4 'Structure model' '_pdbx_struct_conn_angle.ptnr1_auth_asym_id'  
4  4 'Structure model' '_pdbx_struct_conn_angle.ptnr1_auth_comp_id'  
5  4 'Structure model' '_pdbx_struct_conn_angle.ptnr1_auth_seq_id'   
6  4 'Structure model' '_pdbx_struct_conn_angle.ptnr1_label_asym_id' 
7  4 'Structure model' '_pdbx_struct_conn_angle.ptnr1_label_atom_id' 
8  4 'Structure model' '_pdbx_struct_conn_angle.ptnr1_label_comp_id' 
9  4 'Structure model' '_pdbx_struct_conn_angle.ptnr1_label_seq_id'  
10 4 'Structure model' '_pdbx_struct_conn_angle.ptnr1_symmetry'      
11 4 'Structure model' '_pdbx_struct_conn_angle.ptnr3_auth_asym_id'  
12 4 'Structure model' '_pdbx_struct_conn_angle.ptnr3_auth_comp_id'  
13 4 'Structure model' '_pdbx_struct_conn_angle.ptnr3_auth_seq_id'   
14 4 'Structure model' '_pdbx_struct_conn_angle.ptnr3_label_asym_id' 
15 4 'Structure model' '_pdbx_struct_conn_angle.ptnr3_label_atom_id' 
16 4 'Structure model' '_pdbx_struct_conn_angle.ptnr3_label_comp_id' 
17 4 'Structure model' '_pdbx_struct_conn_angle.ptnr3_label_seq_id'  
18 4 'Structure model' '_pdbx_struct_conn_angle.ptnr3_symmetry'      
19 4 'Structure model' '_pdbx_struct_conn_angle.value'               
20 4 'Structure model' '_struct_conn.conn_type_id'                   
21 4 'Structure model' '_struct_conn.id'                             
22 4 'Structure model' '_struct_conn.pdbx_dist_value'                
23 4 'Structure model' '_struct_conn.pdbx_leaving_atom_flag'         
24 4 'Structure model' '_struct_conn.ptnr1_auth_asym_id'             
25 4 'Structure model' '_struct_conn.ptnr1_auth_comp_id'             
26 4 'Structure model' '_struct_conn.ptnr1_auth_seq_id'              
27 4 'Structure model' '_struct_conn.ptnr1_label_asym_id'            
28 4 'Structure model' '_struct_conn.ptnr1_label_atom_id'            
29 4 'Structure model' '_struct_conn.ptnr1_label_comp_id'            
30 4 'Structure model' '_struct_conn.ptnr1_label_seq_id'             
31 4 'Structure model' '_struct_conn.ptnr1_symmetry'                 
32 4 'Structure model' '_struct_conn.ptnr2_auth_asym_id'             
33 4 'Structure model' '_struct_conn.ptnr2_auth_comp_id'             
34 4 'Structure model' '_struct_conn.ptnr2_auth_seq_id'              
35 4 'Structure model' '_struct_conn.ptnr2_label_asym_id'            
36 4 'Structure model' '_struct_conn.ptnr2_label_atom_id'            
37 4 'Structure model' '_struct_conn.ptnr2_label_comp_id'            
38 4 'Structure model' '_struct_conn.ptnr2_label_seq_id'             
39 4 'Structure model' '_struct_conn.ptnr2_symmetry'                 
40 4 'Structure model' '_struct_site.pdbx_auth_asym_id'              
41 4 'Structure model' '_struct_site.pdbx_auth_comp_id'              
42 4 'Structure model' '_struct_site.pdbx_auth_seq_id'               
# 
_pdbx_database_status.status_code                     REL 
_pdbx_database_status.entry_id                        1V3N 
_pdbx_database_status.recvd_initial_deposition_date   2003-11-03 
_pdbx_database_status.deposit_site                    PDBJ 
_pdbx_database_status.process_site                    PDBJ 
_pdbx_database_status.SG_entry                        . 
_pdbx_database_status.pdb_format_compatible           Y 
_pdbx_database_status.status_code_mr                  ? 
_pdbx_database_status.status_code_sf                  ? 
_pdbx_database_status.status_code_cs                  ? 
_pdbx_database_status.status_code_nmr_data            ? 
_pdbx_database_status.methods_development_category    ? 
# 
loop_
_pdbx_database_related.db_name 
_pdbx_database_related.db_id 
_pdbx_database_related.details 
_pdbx_database_related.content_type 
PDB 1V3O 'The same structure, I-derivative'                            unspecified 
PDB 1V3P 'The same structure, I-derivative, with I-motif of G-quartet' unspecified 
# 
loop_
_audit_author.name 
_audit_author.pdbx_ordinal 
'Kondo, J.'    1 
'Umeda, S.'    2 
'Sunami, T.'   3 
'Takenaka, A.' 4 
# 
_citation.id                        primary 
_citation.title                     
;Crystal structures of a DNA octaplex with I-motif of G-quartets and its splitting into two quadruplexes suggest a folding mechanism of eight tandem repeats
;
_citation.journal_abbrev            'Nucleic Acids Res.' 
_citation.journal_volume            32 
_citation.page_first                2541 
_citation.page_last                 2549 
_citation.year                      2004 
_citation.journal_id_ASTM           NARHAD 
_citation.country                   UK 
_citation.journal_id_ISSN           0305-1048 
_citation.journal_id_CSD            0389 
_citation.book_publisher            ? 
_citation.pdbx_database_id_PubMed   15133122 
_citation.pdbx_database_id_DOI      10.1093/nar/gkh575 
# 
loop_
_citation_author.citation_id 
_citation_author.name 
_citation_author.ordinal 
_citation_author.identifier_ORCID 
primary 'Kondo, J.'    1 ? 
primary 'Adachi, W.'   2 ? 
primary 'Umeda, S.'    3 ? 
primary 'Sunami, T.'   4 ? 
primary 'Takenaka, A.' 5 ? 
# 
loop_
_entity.id 
_entity.type 
_entity.src_method 
_entity.pdbx_description 
_entity.formula_weight 
_entity.pdbx_number_of_molecules 
_entity.pdbx_ec 
_entity.pdbx_mutation 
_entity.pdbx_fragment 
_entity.details 
1 polymer     syn "5'-D(*GP*(CBR)P*GP*AP*GP*AP*GP*C)-3'" 2555.539 2   ? ? ? ? 
2 non-polymer syn 'POTASSIUM ION'                        39.098   1   ? ? ? ? 
3 water       nat water                                  18.015   110 ? ? ? ? 
# 
_entity_poly.entity_id                      1 
_entity_poly.type                           polydeoxyribonucleotide 
_entity_poly.nstd_linkage                   no 
_entity_poly.nstd_monomer                   yes 
_entity_poly.pdbx_seq_one_letter_code       '(DG)(CBR)(DG)(DA)(DG)(DA)(DG)(DC)' 
_entity_poly.pdbx_seq_one_letter_code_can   GCGAGAGC 
_entity_poly.pdbx_strand_id                 A,B 
_entity_poly.pdbx_target_identifier         ? 
# 
loop_
_pdbx_entity_nonpoly.entity_id 
_pdbx_entity_nonpoly.name 
_pdbx_entity_nonpoly.comp_id 
2 'POTASSIUM ION' K   
3 water           HOH 
# 
loop_
_entity_poly_seq.entity_id 
_entity_poly_seq.num 
_entity_poly_seq.mon_id 
_entity_poly_seq.hetero 
1 1 DG  n 
1 2 CBR n 
1 3 DG  n 
1 4 DA  n 
1 5 DG  n 
1 6 DA  n 
1 7 DG  n 
1 8 DC  n 
# 
loop_
_chem_comp.id 
_chem_comp.type 
_chem_comp.mon_nstd_flag 
_chem_comp.name 
_chem_comp.pdbx_synonyms 
_chem_comp.formula 
_chem_comp.formula_weight 
CBR 'DNA linking' n "5-BROMO-2'-DEOXY-CYTIDINE-5'-MONOPHOSPHATE" ? 'C9 H13 Br N3 O7 P' 386.093 
DA  'DNA linking' y "2'-DEOXYADENOSINE-5'-MONOPHOSPHATE"         ? 'C10 H14 N5 O6 P'   331.222 
DC  'DNA linking' y "2'-DEOXYCYTIDINE-5'-MONOPHOSPHATE"          ? 'C9 H14 N3 O7 P'    307.197 
DG  'DNA linking' y "2'-DEOXYGUANOSINE-5'-MONOPHOSPHATE"         ? 'C10 H14 N5 O7 P'   347.221 
HOH non-polymer   . WATER                                        ? 'H2 O'              18.015  
K   non-polymer   . 'POTASSIUM ION'                              ? 'K 1'               39.098  
# 
loop_
_pdbx_poly_seq_scheme.asym_id 
_pdbx_poly_seq_scheme.entity_id 
_pdbx_poly_seq_scheme.seq_id 
_pdbx_poly_seq_scheme.mon_id 
_pdbx_poly_seq_scheme.ndb_seq_num 
_pdbx_poly_seq_scheme.pdb_seq_num 
_pdbx_poly_seq_scheme.auth_seq_num 
_pdbx_poly_seq_scheme.pdb_mon_id 
_pdbx_poly_seq_scheme.auth_mon_id 
_pdbx_poly_seq_scheme.pdb_strand_id 
_pdbx_poly_seq_scheme.pdb_ins_code 
_pdbx_poly_seq_scheme.hetero 
A 1 1 DG  1 1  1  DG  G   A . n 
A 1 2 CBR 2 2  2  CBR CBR A . n 
A 1 3 DG  3 3  3  DG  G   A . n 
A 1 4 DA  4 4  4  DA  A   A . n 
A 1 5 DG  5 5  5  DG  G   A . n 
A 1 6 DA  6 6  6  DA  A   A . n 
A 1 7 DG  7 7  7  DG  G   A . n 
A 1 8 DC  8 8  8  DC  C   A . n 
B 1 1 DG  1 9  9  DG  G   B . n 
B 1 2 CBR 2 10 10 CBR CBR B . n 
B 1 3 DG  3 11 11 DG  G   B . n 
B 1 4 DA  4 12 12 DA  A   B . n 
B 1 5 DG  5 13 13 DG  G   B . n 
B 1 6 DA  6 14 14 DA  A   B . n 
B 1 7 DG  7 15 15 DG  G   B . n 
B 1 8 DC  8 16 16 DC  C   B . n 
# 
loop_
_pdbx_nonpoly_scheme.asym_id 
_pdbx_nonpoly_scheme.entity_id 
_pdbx_nonpoly_scheme.mon_id 
_pdbx_nonpoly_scheme.ndb_seq_num 
_pdbx_nonpoly_scheme.pdb_seq_num 
_pdbx_nonpoly_scheme.auth_seq_num 
_pdbx_nonpoly_scheme.pdb_mon_id 
_pdbx_nonpoly_scheme.auth_mon_id 
_pdbx_nonpoly_scheme.pdb_strand_id 
_pdbx_nonpoly_scheme.pdb_ins_code 
C 2 K   1  127 127 K   K   A . 
D 3 HOH 1  17  17  HOH HOH A . 
D 3 HOH 2  20  20  HOH HOH A . 
D 3 HOH 3  21  21  HOH HOH A . 
D 3 HOH 4  24  24  HOH HOH A . 
D 3 HOH 5  26  26  HOH HOH A . 
D 3 HOH 6  28  28  HOH HOH A . 
D 3 HOH 7  30  30  HOH HOH A . 
D 3 HOH 8  34  34  HOH HOH A . 
D 3 HOH 9  36  36  HOH HOH A . 
D 3 HOH 10 37  37  HOH HOH A . 
D 3 HOH 11 40  40  HOH HOH A . 
D 3 HOH 12 41  41  HOH HOH A . 
D 3 HOH 13 43  43  HOH HOH A . 
D 3 HOH 14 46  46  HOH HOH A . 
D 3 HOH 15 47  47  HOH HOH A . 
D 3 HOH 16 48  48  HOH HOH A . 
D 3 HOH 17 49  49  HOH HOH A . 
D 3 HOH 18 51  51  HOH HOH A . 
D 3 HOH 19 53  53  HOH HOH A . 
D 3 HOH 20 54  54  HOH HOH A . 
D 3 HOH 21 57  57  HOH HOH A . 
D 3 HOH 22 58  58  HOH HOH A . 
D 3 HOH 23 60  60  HOH HOH A . 
D 3 HOH 24 61  61  HOH HOH A . 
D 3 HOH 25 63  63  HOH HOH A . 
D 3 HOH 26 64  64  HOH HOH A . 
D 3 HOH 27 67  67  HOH HOH A . 
D 3 HOH 28 69  69  HOH HOH A . 
D 3 HOH 29 70  70  HOH HOH A . 
D 3 HOH 30 71  71  HOH HOH A . 
D 3 HOH 31 72  72  HOH HOH A . 
D 3 HOH 32 73  73  HOH HOH A . 
D 3 HOH 33 74  74  HOH HOH A . 
D 3 HOH 34 75  75  HOH HOH A . 
D 3 HOH 35 78  78  HOH HOH A . 
D 3 HOH 36 82  82  HOH HOH A . 
D 3 HOH 37 83  83  HOH HOH A . 
D 3 HOH 38 86  86  HOH HOH A . 
D 3 HOH 39 89  89  HOH HOH A . 
D 3 HOH 40 91  91  HOH HOH A . 
D 3 HOH 41 94  94  HOH HOH A . 
D 3 HOH 42 97  97  HOH HOH A . 
D 3 HOH 43 98  98  HOH HOH A . 
D 3 HOH 44 101 101 HOH HOH A . 
D 3 HOH 45 102 102 HOH HOH A . 
D 3 HOH 46 103 103 HOH HOH A . 
D 3 HOH 47 104 104 HOH HOH A . 
D 3 HOH 48 110 110 HOH HOH A . 
D 3 HOH 49 111 111 HOH HOH A . 
D 3 HOH 50 113 113 HOH HOH A . 
D 3 HOH 51 116 116 HOH HOH A . 
D 3 HOH 52 117 117 HOH HOH A . 
D 3 HOH 53 123 123 HOH HOH A . 
E 3 HOH 1  18  18  HOH HOH B . 
E 3 HOH 2  19  19  HOH HOH B . 
E 3 HOH 3  22  22  HOH HOH B . 
E 3 HOH 4  23  23  HOH HOH B . 
E 3 HOH 5  25  25  HOH HOH B . 
E 3 HOH 6  27  27  HOH HOH B . 
E 3 HOH 7  29  29  HOH HOH B . 
E 3 HOH 8  31  31  HOH HOH B . 
E 3 HOH 9  32  32  HOH HOH B . 
E 3 HOH 10 33  33  HOH HOH B . 
E 3 HOH 11 35  35  HOH HOH B . 
E 3 HOH 12 38  38  HOH HOH B . 
E 3 HOH 13 39  39  HOH HOH B . 
E 3 HOH 14 42  42  HOH HOH B . 
E 3 HOH 15 44  44  HOH HOH B . 
E 3 HOH 16 45  45  HOH HOH B . 
E 3 HOH 17 50  50  HOH HOH B . 
E 3 HOH 18 52  52  HOH HOH B . 
E 3 HOH 19 55  55  HOH HOH B . 
E 3 HOH 20 56  56  HOH HOH B . 
E 3 HOH 21 59  59  HOH HOH B . 
E 3 HOH 22 62  62  HOH HOH B . 
E 3 HOH 23 65  65  HOH HOH B . 
E 3 HOH 24 66  66  HOH HOH B . 
E 3 HOH 25 68  68  HOH HOH B . 
E 3 HOH 26 76  76  HOH HOH B . 
E 3 HOH 27 77  77  HOH HOH B . 
E 3 HOH 28 79  79  HOH HOH B . 
E 3 HOH 29 80  80  HOH HOH B . 
E 3 HOH 30 81  81  HOH HOH B . 
E 3 HOH 31 84  84  HOH HOH B . 
E 3 HOH 32 85  85  HOH HOH B . 
E 3 HOH 33 87  87  HOH HOH B . 
E 3 HOH 34 88  88  HOH HOH B . 
E 3 HOH 35 90  90  HOH HOH B . 
E 3 HOH 36 92  92  HOH HOH B . 
E 3 HOH 37 93  93  HOH HOH B . 
E 3 HOH 38 95  95  HOH HOH B . 
E 3 HOH 39 96  96  HOH HOH B . 
E 3 HOH 40 99  99  HOH HOH B . 
E 3 HOH 41 100 100 HOH HOH B . 
E 3 HOH 42 105 105 HOH HOH B . 
E 3 HOH 43 106 106 HOH HOH B . 
E 3 HOH 44 107 107 HOH HOH B . 
E 3 HOH 45 108 108 HOH HOH B . 
E 3 HOH 46 109 109 HOH HOH B . 
E 3 HOH 47 112 112 HOH HOH B . 
E 3 HOH 48 114 114 HOH HOH B . 
E 3 HOH 49 115 115 HOH HOH B . 
E 3 HOH 50 118 118 HOH HOH B . 
E 3 HOH 51 119 119 HOH HOH B . 
E 3 HOH 52 120 120 HOH HOH B . 
E 3 HOH 53 121 121 HOH HOH B . 
E 3 HOH 54 122 122 HOH HOH B . 
E 3 HOH 55 124 124 HOH HOH B . 
E 3 HOH 56 125 125 HOH HOH B . 
E 3 HOH 57 126 126 HOH HOH B . 
# 
loop_
_software.name 
_software.classification 
_software.version 
_software.citation_id 
_software.pdbx_ordinal 
MOSFLM 'data reduction' .         ? 1 
SCALA  'data scaling'   .         ? 2 
SOLVE  phasing          .         ? 3 
CNS    refinement       1.0       ? 4 
CCP4   'data scaling'   '(SCALA)' ? 5 
# 
_cell.entry_id           1V3N 
_cell.length_a           33.810 
_cell.length_b           43.470 
_cell.length_c           64.200 
_cell.angle_alpha        90.00 
_cell.angle_beta         90.00 
_cell.angle_gamma        90.00 
_cell.Z_PDB              16 
_cell.pdbx_unique_axis   ? 
# 
_symmetry.entry_id                         1V3N 
_symmetry.space_group_name_H-M             'I 2 2 2' 
_symmetry.pdbx_full_space_group_name_H-M   ? 
_symmetry.cell_setting                     ? 
_symmetry.Int_Tables_number                23 
# 
_exptl.entry_id          1V3N 
_exptl.method            'X-RAY DIFFRACTION' 
_exptl.crystals_number   1 
# 
_exptl_crystal.id                    1 
_exptl_crystal.density_meas          ? 
_exptl_crystal.density_percent_sol   44.36 
_exptl_crystal.description           ? 
_exptl_crystal.density_Matthews      2.21 
# 
_exptl_crystal_grow.crystal_id      1 
_exptl_crystal_grow.method          'VAPOR DIFFUSION, HANGING DROP' 
_exptl_crystal_grow.temp            277 
_exptl_crystal_grow.temp_details    ? 
_exptl_crystal_grow.pH              7.0 
_exptl_crystal_grow.pdbx_details    
;2-methyl-2,4-pentanediol, spermine tetrahydrochloride, sodium chloride, potassium chloride, sodium cacodylate , pH 7.0, VAPOR DIFFUSION, HANGING DROP, temperature 277K
;
_exptl_crystal_grow.pdbx_pH_range   . 
# 
loop_
_exptl_crystal_grow_comp.crystal_id 
_exptl_crystal_grow_comp.id 
_exptl_crystal_grow_comp.sol_id 
_exptl_crystal_grow_comp.name 
_exptl_crystal_grow_comp.volume 
_exptl_crystal_grow_comp.conc 
_exptl_crystal_grow_comp.details 
1 1 1 2-methyl-2,4-pentanediol      ? ? ? 
1 2 1 'spermine tetrahydrochloride' ? ? ? 
1 3 1 'sodium chloride'             ? ? ? 
1 4 1 'potassium chloride'          ? ? ? 
1 5 1 'sodium cacodylate'           ? ? ? 
1 6 2 'sodium chloride'             ? ? ? 
1 7 2 'potassium chloride'          ? ? ? 
1 8 2 'sodium cacodylate'           ? ? ? 
# 
_diffrn.id                     1 
_diffrn.ambient_temp           100 
_diffrn.ambient_temp_details   ? 
_diffrn.crystal_id             1 
# 
_diffrn_detector.diffrn_id              1 
_diffrn_detector.detector               CCD 
_diffrn_detector.type                   'ADSC QUANTUM 4' 
_diffrn_detector.pdbx_collection_date   2001-05-15 
_diffrn_detector.details                ? 
# 
_diffrn_radiation.diffrn_id                        1 
_diffrn_radiation.wavelength_id                    1 
_diffrn_radiation.pdbx_monochromatic_or_laue_m_l   M 
_diffrn_radiation.monochromator                    ? 
_diffrn_radiation.pdbx_diffrn_protocol             MAD 
_diffrn_radiation.pdbx_scattering_type             x-ray 
# 
loop_
_diffrn_radiation_wavelength.id 
_diffrn_radiation_wavelength.wavelength 
_diffrn_radiation_wavelength.wt 
1 1.0     1.0 
2 0.91961 1.0 
3 0.92020 1.0 
# 
_diffrn_source.diffrn_id                   1 
_diffrn_source.source                      SYNCHROTRON 
_diffrn_source.type                        'PHOTON FACTORY BEAMLINE BL-18B' 
_diffrn_source.pdbx_synchrotron_site       'Photon Factory' 
_diffrn_source.pdbx_synchrotron_beamline   BL-18B 
_diffrn_source.pdbx_wavelength             ? 
_diffrn_source.pdbx_wavelength_list        '1.0, 0.91961, 0.92020' 
# 
_reflns.entry_id                     1V3N 
_reflns.observed_criterion_sigma_F   0.0 
_reflns.observed_criterion_sigma_I   0.0 
_reflns.d_resolution_high            1.8 
_reflns.d_resolution_low             32 
_reflns.number_all                   4553 
_reflns.number_obs                   4543 
_reflns.percent_possible_obs         98.1 
_reflns.pdbx_Rmerge_I_obs            0.05 
_reflns.pdbx_Rsym_value              0.05 
_reflns.pdbx_netI_over_sigmaI        7.7 
_reflns.B_iso_Wilson_estimate        ? 
_reflns.pdbx_redundancy              6.2 
_reflns.R_free_details               ? 
_reflns.pdbx_diffrn_id               1 
_reflns.pdbx_ordinal                 1 
# 
_reflns_shell.d_res_high             1.8 
_reflns_shell.d_res_low              1.89 
_reflns_shell.percent_possible_all   88.6 
_reflns_shell.Rmerge_I_obs           0.265 
_reflns_shell.pdbx_Rsym_value        0.265 
_reflns_shell.meanI_over_sigI_obs    2.6 
_reflns_shell.pdbx_redundancy        3.8 
_reflns_shell.percent_possible_obs   ? 
_reflns_shell.number_unique_all      583 
_reflns_shell.pdbx_diffrn_id         ? 
_reflns_shell.pdbx_ordinal           1 
# 
_refine.entry_id                                 1V3N 
_refine.ls_d_res_high                            1.8 
_refine.ls_d_res_low                             9.0 
_refine.pdbx_ls_sigma_F                          3.0 
_refine.pdbx_ls_sigma_I                          ? 
_refine.ls_number_reflns_all                     4594 
_refine.ls_number_reflns_obs                     4227 
_refine.ls_number_reflns_R_free                  436 
_refine.ls_percent_reflns_obs                    92.0 
_refine.ls_R_factor_all                          ? 
_refine.ls_R_factor_obs                          ? 
_refine.ls_R_factor_R_work                       0.225 
_refine.ls_R_factor_R_free                       0.249 
_refine.ls_redundancy_reflns_obs                 ? 
_refine.pdbx_data_cutoff_high_absF               ? 
_refine.pdbx_data_cutoff_low_absF                ? 
_refine.ls_number_parameters                     ? 
_refine.ls_number_restraints                     ? 
_refine.ls_percent_reflns_R_free                 ? 
_refine.ls_R_factor_R_free_error                 ? 
_refine.ls_R_factor_R_free_error_details         ? 
_refine.pdbx_method_to_determine_struct          MAD 
_refine.pdbx_starting_model                      ? 
_refine.pdbx_ls_cross_valid_method               ? 
_refine.pdbx_R_Free_selection_details            RANDOM 
_refine.pdbx_stereochem_target_val_spec_case     ? 
_refine.pdbx_stereochemistry_target_values       'G. PARKINSON ET AL., (1996) ACTACRYST. D52, 57-64' 
_refine.solvent_model_details                    ? 
_refine.solvent_model_param_bsol                 ? 
_refine.solvent_model_param_ksol                 ? 
_refine.occupancy_max                            ? 
_refine.occupancy_min                            ? 
_refine.pdbx_isotropic_thermal_model             ? 
_refine.B_iso_mean                               ? 
_refine.aniso_B[1][1]                            ? 
_refine.aniso_B[1][2]                            ? 
_refine.aniso_B[1][3]                            ? 
_refine.aniso_B[2][2]                            ? 
_refine.aniso_B[2][3]                            ? 
_refine.aniso_B[3][3]                            ? 
_refine.details                                  ? 
_refine.correlation_coeff_Fo_to_Fc               ? 
_refine.correlation_coeff_Fo_to_Fc_free          ? 
_refine.pdbx_solvent_vdw_probe_radii             ? 
_refine.pdbx_solvent_ion_probe_radii             ? 
_refine.pdbx_solvent_shrinkage_radii             ? 
_refine.overall_SU_R_Cruickshank_DPI             ? 
_refine.overall_SU_R_free                        ? 
_refine.overall_SU_B                             ? 
_refine.overall_SU_ML                            ? 
_refine.pdbx_overall_ESU_R                       ? 
_refine.pdbx_overall_ESU_R_Free                  ? 
_refine.pdbx_data_cutoff_high_rms_absF           ? 
_refine.pdbx_refine_id                           'X-RAY DIFFRACTION' 
_refine.pdbx_diffrn_id                           1 
_refine.pdbx_TLS_residual_ADP_flag               ? 
_refine.pdbx_overall_phase_error                 ? 
_refine.pdbx_overall_SU_R_free_Cruickshank_DPI   ? 
_refine.pdbx_overall_SU_R_Blow_DPI               ? 
_refine.pdbx_overall_SU_R_free_Blow_DPI          ? 
# 
_refine_analyze.entry_id                        1V3N 
_refine_analyze.Luzzati_coordinate_error_obs    0.27 
_refine_analyze.Luzzati_sigma_a_obs             0.32 
_refine_analyze.Luzzati_d_res_low_obs           5.0 
_refine_analyze.Luzzati_coordinate_error_free   ? 
_refine_analyze.Luzzati_sigma_a_free            ? 
_refine_analyze.Luzzati_d_res_low_free          ? 
_refine_analyze.number_disordered_residues      ? 
_refine_analyze.occupancy_sum_non_hydrogen      ? 
_refine_analyze.occupancy_sum_hydrogen          ? 
_refine_analyze.pdbx_refine_id                  'X-RAY DIFFRACTION' 
# 
_refine_hist.pdbx_refine_id                   'X-RAY DIFFRACTION' 
_refine_hist.cycle_id                         LAST 
_refine_hist.pdbx_number_atoms_protein        0 
_refine_hist.pdbx_number_atoms_nucleic_acid   332 
_refine_hist.pdbx_number_atoms_ligand         1 
_refine_hist.number_atoms_solvent             110 
_refine_hist.number_atoms_total               443 
_refine_hist.d_res_high                       1.8 
_refine_hist.d_res_low                        9.0 
# 
loop_
_refine_ls_restr.type 
_refine_ls_restr.dev_ideal 
_refine_ls_restr.dev_ideal_target 
_refine_ls_restr.weight 
_refine_ls_restr.number 
_refine_ls_restr.pdbx_refine_id 
_refine_ls_restr.pdbx_restraint_function 
c_bond_d           0.004 ? ? ? 'X-RAY DIFFRACTION' ? 
c_angle_deg        0.9   ? ? ? 'X-RAY DIFFRACTION' ? 
c_dihedral_angle_d 22.3  ? ? ? 'X-RAY DIFFRACTION' ? 
c_improper_angle_d 0.8   ? ? ? 'X-RAY DIFFRACTION' ? 
# 
_refine_ls_shell.pdbx_total_number_of_bins_used   ? 
_refine_ls_shell.d_res_high                       1.80 
_refine_ls_shell.d_res_low                        1.86 
_refine_ls_shell.number_reflns_R_work             ? 
_refine_ls_shell.R_factor_R_work                  0.335 
_refine_ls_shell.percent_reflns_obs               62.8 
_refine_ls_shell.R_factor_R_free                  0.331 
_refine_ls_shell.R_factor_R_free_error            ? 
_refine_ls_shell.percent_reflns_R_free            ? 
_refine_ls_shell.number_reflns_R_free             35 
_refine_ls_shell.redundancy_reflns_obs            ? 
_refine_ls_shell.pdbx_refine_id                   'X-RAY DIFFRACTION' 
_refine_ls_shell.number_reflns_all                ? 
_refine_ls_shell.R_factor_all                     ? 
# 
_struct.entry_id                  1V3N 
_struct.title                     'Crystal structure of d(GCGAGAGC): the DNA quadruplex structure split from the octaplex' 
_struct.pdbx_model_details        ? 
_struct.pdbx_CASP_flag            ? 
_struct.pdbx_model_type_details   ? 
# 
_struct_keywords.entry_id        1V3N 
_struct_keywords.pdbx_keywords   DNA 
_struct_keywords.text            
;octaplex, quadruplex, G-duet, base-intercalated duplex, base-intercalated motif, sheared G:A pair, DNA, deoxyribonucleic acid, X-ray analysis, crystal struture
;
# 
loop_
_struct_asym.id 
_struct_asym.pdbx_blank_PDB_chainid_flag 
_struct_asym.pdbx_modified 
_struct_asym.entity_id 
_struct_asym.details 
A N N 1 ? 
B N N 1 ? 
C N N 2 ? 
D N N 3 ? 
E N N 3 ? 
# 
_struct_ref.id                         1 
_struct_ref.entity_id                  1 
_struct_ref.db_name                    PDB 
_struct_ref.db_code                    1V3N 
_struct_ref.pdbx_db_accession          1V3N 
_struct_ref.pdbx_db_isoform            ? 
_struct_ref.pdbx_seq_one_letter_code   ? 
_struct_ref.pdbx_align_begin           ? 
# 
loop_
_struct_ref_seq.align_id 
_struct_ref_seq.ref_id 
_struct_ref_seq.pdbx_PDB_id_code 
_struct_ref_seq.pdbx_strand_id 
_struct_ref_seq.seq_align_beg 
_struct_ref_seq.pdbx_seq_align_beg_ins_code 
_struct_ref_seq.seq_align_end 
_struct_ref_seq.pdbx_seq_align_end_ins_code 
_struct_ref_seq.pdbx_db_accession 
_struct_ref_seq.db_align_beg 
_struct_ref_seq.pdbx_db_align_beg_ins_code 
_struct_ref_seq.db_align_end 
_struct_ref_seq.pdbx_db_align_end_ins_code 
_struct_ref_seq.pdbx_auth_seq_align_beg 
_struct_ref_seq.pdbx_auth_seq_align_end 
1 1 1V3N A 1 ? 8 ? 1V3N 1 ? 8  ? 1 8  
2 1 1V3N B 1 ? 8 ? 1V3N 9 ? 16 ? 9 16 
# 
_pdbx_struct_assembly.id                   1 
_pdbx_struct_assembly.details              author_defined_assembly 
_pdbx_struct_assembly.method_details       ? 
_pdbx_struct_assembly.oligomeric_details   tetrameric 
_pdbx_struct_assembly.oligomeric_count     4 
# 
_pdbx_struct_assembly_gen.assembly_id       1 
_pdbx_struct_assembly_gen.oper_expression   1,2 
_pdbx_struct_assembly_gen.asym_id_list      A,B,C,D,E 
# 
loop_
_pdbx_struct_oper_list.id 
_pdbx_struct_oper_list.type 
_pdbx_struct_oper_list.name 
_pdbx_struct_oper_list.symmetry_operation 
_pdbx_struct_oper_list.matrix[1][1] 
_pdbx_struct_oper_list.matrix[1][2] 
_pdbx_struct_oper_list.matrix[1][3] 
_pdbx_struct_oper_list.vector[1] 
_pdbx_struct_oper_list.matrix[2][1] 
_pdbx_struct_oper_list.matrix[2][2] 
_pdbx_struct_oper_list.matrix[2][3] 
_pdbx_struct_oper_list.vector[2] 
_pdbx_struct_oper_list.matrix[3][1] 
_pdbx_struct_oper_list.matrix[3][2] 
_pdbx_struct_oper_list.matrix[3][3] 
_pdbx_struct_oper_list.vector[3] 
1 'identity operation'         1_555 x,y,z   1.0000000000  0.0000000000  0.0000000000  0.0000000000 0.0000000000  1.0000000000  0.0000000000 0.0000000000  0.0000000000  0.0000000000 1.0000000000 0.0000000000 
2 'crystal symmetry operation' 3_555 -x,y,-z -0.4791921763 -0.2354783616 -0.8455322580 6.0614464890 -0.2354783616 -0.8935306724 0.3822994620 12.1969169254 -0.8455322580 0.3822994620 0.3727228488 0.3367568029 
# 
_struct_biol.id                    1 
_struct_biol.details               
;The biological assembly is a quadruplex generated from the duplex 
in the asymmetric unit by the operations:  x, y, z and  
-x, y, -z.
;
_struct_biol.pdbx_parent_biol_id   ? 
# 
loop_
_struct_conn.id 
_struct_conn.conn_type_id 
_struct_conn.pdbx_leaving_atom_flag 
_struct_conn.pdbx_PDB_id 
_struct_conn.ptnr1_label_asym_id 
_struct_conn.ptnr1_label_comp_id 
_struct_conn.ptnr1_label_seq_id 
_struct_conn.ptnr1_label_atom_id 
_struct_conn.pdbx_ptnr1_label_alt_id 
_struct_conn.pdbx_ptnr1_PDB_ins_code 
_struct_conn.pdbx_ptnr1_standard_comp_id 
_struct_conn.ptnr1_symmetry 
_struct_conn.ptnr2_label_asym_id 
_struct_conn.ptnr2_label_comp_id 
_struct_conn.ptnr2_label_seq_id 
_struct_conn.ptnr2_label_atom_id 
_struct_conn.pdbx_ptnr2_label_alt_id 
_struct_conn.pdbx_ptnr2_PDB_ins_code 
_struct_conn.ptnr1_auth_asym_id 
_struct_conn.ptnr1_auth_comp_id 
_struct_conn.ptnr1_auth_seq_id 
_struct_conn.ptnr2_auth_asym_id 
_struct_conn.ptnr2_auth_comp_id 
_struct_conn.ptnr2_auth_seq_id 
_struct_conn.ptnr2_symmetry 
_struct_conn.pdbx_ptnr3_label_atom_id 
_struct_conn.pdbx_ptnr3_label_seq_id 
_struct_conn.pdbx_ptnr3_label_comp_id 
_struct_conn.pdbx_ptnr3_label_asym_id 
_struct_conn.pdbx_ptnr3_label_alt_id 
_struct_conn.pdbx_ptnr3_PDB_ins_code 
_struct_conn.details 
_struct_conn.pdbx_dist_value 
_struct_conn.pdbx_value_order 
_struct_conn.pdbx_role 
covale1  covale both ? A DG  1 "O3'" ? ? ? 1_555 A CBR 2 P  ? ? A DG  1   A CBR 2   1_555 ? ? ? ? ? ? ?            1.604 ? ? 
covale2  covale both ? A CBR 2 "O3'" ? ? ? 1_555 A DG  3 P  ? ? A CBR 2   A DG  3   1_555 ? ? ? ? ? ? ?            1.606 ? ? 
covale3  covale both ? B DG  1 "O3'" ? ? ? 1_555 B CBR 2 P  ? ? B DG  9   B CBR 10  1_555 ? ? ? ? ? ? ?            1.607 ? ? 
covale4  covale both ? B CBR 2 "O3'" ? ? ? 1_555 B DG  3 P  ? ? B CBR 10  B DG  11  1_555 ? ? ? ? ? ? ?            1.607 ? ? 
metalc1  metalc ?    ? A DG  5 O6    ? ? ? 1_555 C K   . K  ? ? A DG  5   A K   127 1_555 ? ? ? ? ? ? ?            2.776 ? ? 
metalc2  metalc ?    ? A DG  5 O6    ? ? ? 3_555 C K   . K  ? ? A DG  5   A K   127 1_555 ? ? ? ? ? ? ?            2.776 ? ? 
metalc3  metalc ?    ? D HOH . O     ? ? ? 1_555 C K   . K  ? ? A HOH 21  A K   127 1_555 ? ? ? ? ? ? ?            3.094 ? ? 
metalc4  metalc ?    ? D HOH . O     ? ? ? 3_555 C K   . K  ? ? A HOH 21  A K   127 1_555 ? ? ? ? ? ? ?            3.094 ? ? 
metalc5  metalc ?    ? C K   . K     ? ? ? 1_555 B DG  5 O6 ? ? A K   127 B DG  13  1_555 ? ? ? ? ? ? ?            2.897 ? ? 
metalc6  metalc ?    ? C K   . K     ? ? ? 1_555 B DG  5 O6 ? ? A K   127 B DG  13  3_555 ? ? ? ? ? ? ?            2.897 ? ? 
metalc7  metalc ?    ? C K   . K     ? ? ? 1_555 E HOH . O  ? ? A K   127 B HOH 59  1_555 ? ? ? ? ? ? ?            2.852 ? ? 
metalc8  metalc ?    ? C K   . K     ? ? ? 1_555 E HOH . O  ? ? A K   127 B HOH 59  3_555 ? ? ? ? ? ? ?            2.852 ? ? 
hydrog1  hydrog ?    ? A DG  1 N1    ? ? ? 1_555 B DC  8 N3 ? ? A DG  1   B DC  16  1_555 ? ? ? ? ? ? WATSON-CRICK ?     ? ? 
hydrog2  hydrog ?    ? A DG  1 N2    ? ? ? 1_555 B DC  8 O2 ? ? A DG  1   B DC  16  1_555 ? ? ? ? ? ? WATSON-CRICK ?     ? ? 
hydrog3  hydrog ?    ? A DG  1 O6    ? ? ? 1_555 B DC  8 N4 ? ? A DG  1   B DC  16  1_555 ? ? ? ? ? ? WATSON-CRICK ?     ? ? 
hydrog4  hydrog ?    ? A CBR 2 N3    ? ? ? 1_555 B DG  7 N1 ? ? A CBR 2   B DG  15  1_555 ? ? ? ? ? ? WATSON-CRICK ?     ? ? 
hydrog5  hydrog ?    ? A CBR 2 N4    ? ? ? 1_555 B DG  7 O6 ? ? A CBR 2   B DG  15  1_555 ? ? ? ? ? ? WATSON-CRICK ?     ? ? 
hydrog6  hydrog ?    ? A CBR 2 O2    ? ? ? 1_555 B DG  7 N2 ? ? A CBR 2   B DG  15  1_555 ? ? ? ? ? ? WATSON-CRICK ?     ? ? 
hydrog7  hydrog ?    ? A DG  3 N2    ? ? ? 1_555 B DA  6 N7 ? ? A DG  3   B DA  14  1_555 ? ? ? ? ? ? TYPE_11_PAIR ?     ? ? 
hydrog8  hydrog ?    ? A DG  3 N3    ? ? ? 1_555 B DA  6 N6 ? ? A DG  3   B DA  14  1_555 ? ? ? ? ? ? TYPE_11_PAIR ?     ? ? 
hydrog9  hydrog ?    ? A DA  6 N6    ? ? ? 1_555 B DG  3 N3 ? ? A DA  6   B DG  11  1_555 ? ? ? ? ? ? TYPE_11_PAIR ?     ? ? 
hydrog10 hydrog ?    ? A DA  6 N7    ? ? ? 1_555 B DG  3 N2 ? ? A DA  6   B DG  11  1_555 ? ? ? ? ? ? TYPE_11_PAIR ?     ? ? 
hydrog11 hydrog ?    ? A DG  7 N1    ? ? ? 1_555 B CBR 2 N3 ? ? A DG  7   B CBR 10  1_555 ? ? ? ? ? ? WATSON-CRICK ?     ? ? 
hydrog12 hydrog ?    ? A DG  7 N2    ? ? ? 1_555 B CBR 2 O2 ? ? A DG  7   B CBR 10  1_555 ? ? ? ? ? ? WATSON-CRICK ?     ? ? 
hydrog13 hydrog ?    ? A DG  7 O6    ? ? ? 1_555 B CBR 2 N4 ? ? A DG  7   B CBR 10  1_555 ? ? ? ? ? ? WATSON-CRICK ?     ? ? 
hydrog14 hydrog ?    ? A DC  8 N3    ? ? ? 1_555 B DG  1 N1 ? ? A DC  8   B DG  9   1_555 ? ? ? ? ? ? WATSON-CRICK ?     ? ? 
hydrog15 hydrog ?    ? A DC  8 N4    ? ? ? 1_555 B DG  1 O6 ? ? A DC  8   B DG  9   1_555 ? ? ? ? ? ? WATSON-CRICK ?     ? ? 
hydrog16 hydrog ?    ? A DC  8 O2    ? ? ? 1_555 B DG  1 N2 ? ? A DC  8   B DG  9   1_555 ? ? ? ? ? ? WATSON-CRICK ?     ? ? 
# 
loop_
_struct_conn_type.id 
_struct_conn_type.criteria 
_struct_conn_type.reference 
covale ? ? 
metalc ? ? 
hydrog ? ? 
# 
loop_
_pdbx_struct_conn_angle.id 
_pdbx_struct_conn_angle.ptnr1_label_atom_id 
_pdbx_struct_conn_angle.ptnr1_label_alt_id 
_pdbx_struct_conn_angle.ptnr1_label_asym_id 
_pdbx_struct_conn_angle.ptnr1_label_comp_id 
_pdbx_struct_conn_angle.ptnr1_label_seq_id 
_pdbx_struct_conn_angle.ptnr1_auth_atom_id 
_pdbx_struct_conn_angle.ptnr1_auth_asym_id 
_pdbx_struct_conn_angle.ptnr1_auth_comp_id 
_pdbx_struct_conn_angle.ptnr1_auth_seq_id 
_pdbx_struct_conn_angle.ptnr1_PDB_ins_code 
_pdbx_struct_conn_angle.ptnr1_symmetry 
_pdbx_struct_conn_angle.ptnr2_label_atom_id 
_pdbx_struct_conn_angle.ptnr2_label_alt_id 
_pdbx_struct_conn_angle.ptnr2_label_asym_id 
_pdbx_struct_conn_angle.ptnr2_label_comp_id 
_pdbx_struct_conn_angle.ptnr2_label_seq_id 
_pdbx_struct_conn_angle.ptnr2_auth_atom_id 
_pdbx_struct_conn_angle.ptnr2_auth_asym_id 
_pdbx_struct_conn_angle.ptnr2_auth_comp_id 
_pdbx_struct_conn_angle.ptnr2_auth_seq_id 
_pdbx_struct_conn_angle.ptnr2_PDB_ins_code 
_pdbx_struct_conn_angle.ptnr2_symmetry 
_pdbx_struct_conn_angle.ptnr3_label_atom_id 
_pdbx_struct_conn_angle.ptnr3_label_alt_id 
_pdbx_struct_conn_angle.ptnr3_label_asym_id 
_pdbx_struct_conn_angle.ptnr3_label_comp_id 
_pdbx_struct_conn_angle.ptnr3_label_seq_id 
_pdbx_struct_conn_angle.ptnr3_auth_atom_id 
_pdbx_struct_conn_angle.ptnr3_auth_asym_id 
_pdbx_struct_conn_angle.ptnr3_auth_comp_id 
_pdbx_struct_conn_angle.ptnr3_auth_seq_id 
_pdbx_struct_conn_angle.ptnr3_PDB_ins_code 
_pdbx_struct_conn_angle.ptnr3_symmetry 
_pdbx_struct_conn_angle.value 
_pdbx_struct_conn_angle.value_esd 
1  O6 ? A DG  5 ? A DG  5  ? 1_555 K ? C K . ? A K 127 ? 1_555 O6 ? A DG  5 ? A DG  5  ? 3_555 68.1  ? 
2  O6 ? A DG  5 ? A DG  5  ? 1_555 K ? C K . ? A K 127 ? 1_555 O  ? D HOH . ? A HOH 21 ? 1_555 75.4  ? 
3  O6 ? A DG  5 ? A DG  5  ? 3_555 K ? C K . ? A K 127 ? 1_555 O  ? D HOH . ? A HOH 21 ? 1_555 123.8 ? 
4  O6 ? A DG  5 ? A DG  5  ? 1_555 K ? C K . ? A K 127 ? 1_555 O  ? D HOH . ? A HOH 21 ? 3_555 123.8 ? 
5  O6 ? A DG  5 ? A DG  5  ? 3_555 K ? C K . ? A K 127 ? 1_555 O  ? D HOH . ? A HOH 21 ? 3_555 75.4  ? 
6  O  ? D HOH . ? A HOH 21 ? 1_555 K ? C K . ? A K 127 ? 1_555 O  ? D HOH . ? A HOH 21 ? 3_555 158.8 ? 
7  O6 ? A DG  5 ? A DG  5  ? 1_555 K ? C K . ? A K 127 ? 1_555 O6 ? B DG  5 ? B DG  13 ? 1_555 84.4  ? 
8  O6 ? A DG  5 ? A DG  5  ? 3_555 K ? C K . ? A K 127 ? 1_555 O6 ? B DG  5 ? B DG  13 ? 1_555 71.3  ? 
9  O  ? D HOH . ? A HOH 21 ? 1_555 K ? C K . ? A K 127 ? 1_555 O6 ? B DG  5 ? B DG  13 ? 1_555 63.8  ? 
10 O  ? D HOH . ? A HOH 21 ? 3_555 K ? C K . ? A K 127 ? 1_555 O6 ? B DG  5 ? B DG  13 ? 1_555 122.3 ? 
11 O6 ? A DG  5 ? A DG  5  ? 1_555 K ? C K . ? A K 127 ? 1_555 O6 ? B DG  5 ? B DG  13 ? 3_555 71.3  ? 
12 O6 ? A DG  5 ? A DG  5  ? 3_555 K ? C K . ? A K 127 ? 1_555 O6 ? B DG  5 ? B DG  13 ? 3_555 84.4  ? 
13 O  ? D HOH . ? A HOH 21 ? 1_555 K ? C K . ? A K 127 ? 1_555 O6 ? B DG  5 ? B DG  13 ? 3_555 122.3 ? 
14 O  ? D HOH . ? A HOH 21 ? 3_555 K ? C K . ? A K 127 ? 1_555 O6 ? B DG  5 ? B DG  13 ? 3_555 63.8  ? 
15 O6 ? B DG  5 ? B DG  13 ? 1_555 K ? C K . ? A K 127 ? 1_555 O6 ? B DG  5 ? B DG  13 ? 3_555 150.7 ? 
16 O6 ? A DG  5 ? A DG  5  ? 1_555 K ? C K . ? A K 127 ? 1_555 O  ? E HOH . ? B HOH 59 ? 1_555 154.4 ? 
17 O6 ? A DG  5 ? A DG  5  ? 3_555 K ? C K . ? A K 127 ? 1_555 O  ? E HOH . ? B HOH 59 ? 1_555 107.4 ? 
18 O  ? D HOH . ? A HOH 21 ? 1_555 K ? C K . ? A K 127 ? 1_555 O  ? E HOH . ? B HOH 59 ? 1_555 88.1  ? 
19 O  ? D HOH . ? A HOH 21 ? 3_555 K ? C K . ? A K 127 ? 1_555 O  ? E HOH . ? B HOH 59 ? 1_555 76.4  ? 
20 O6 ? B DG  5 ? B DG  13 ? 1_555 K ? C K . ? A K 127 ? 1_555 O  ? E HOH . ? B HOH 59 ? 1_555 70.7  ? 
21 O6 ? B DG  5 ? B DG  13 ? 3_555 K ? C K . ? A K 127 ? 1_555 O  ? E HOH . ? B HOH 59 ? 1_555 134.2 ? 
22 O6 ? A DG  5 ? A DG  5  ? 1_555 K ? C K . ? A K 127 ? 1_555 O  ? E HOH . ? B HOH 59 ? 3_555 107.4 ? 
23 O6 ? A DG  5 ? A DG  5  ? 3_555 K ? C K . ? A K 127 ? 1_555 O  ? E HOH . ? B HOH 59 ? 3_555 154.4 ? 
24 O  ? D HOH . ? A HOH 21 ? 1_555 K ? C K . ? A K 127 ? 1_555 O  ? E HOH . ? B HOH 59 ? 3_555 76.4  ? 
25 O  ? D HOH . ? A HOH 21 ? 3_555 K ? C K . ? A K 127 ? 1_555 O  ? E HOH . ? B HOH 59 ? 3_555 88.1  ? 
26 O6 ? B DG  5 ? B DG  13 ? 1_555 K ? C K . ? A K 127 ? 1_555 O  ? E HOH . ? B HOH 59 ? 3_555 134.2 ? 
27 O6 ? B DG  5 ? B DG  13 ? 3_555 K ? C K . ? A K 127 ? 1_555 O  ? E HOH . ? B HOH 59 ? 3_555 70.7  ? 
28 O  ? E HOH . ? B HOH 59 ? 1_555 K ? C K . ? A K 127 ? 1_555 O  ? E HOH . ? B HOH 59 ? 3_555 87.0  ? 
# 
_struct_site.id                   AC1 
_struct_site.pdbx_evidence_code   Software 
_struct_site.pdbx_auth_asym_id    A 
_struct_site.pdbx_auth_comp_id    K 
_struct_site.pdbx_auth_seq_id     127 
_struct_site.pdbx_auth_ins_code   ? 
_struct_site.pdbx_num_residues    8 
_struct_site.details              'BINDING SITE FOR RESIDUE K A 127' 
# 
loop_
_struct_site_gen.id 
_struct_site_gen.site_id 
_struct_site_gen.pdbx_num_res 
_struct_site_gen.label_comp_id 
_struct_site_gen.label_asym_id 
_struct_site_gen.label_seq_id 
_struct_site_gen.pdbx_auth_ins_code 
_struct_site_gen.auth_comp_id 
_struct_site_gen.auth_asym_id 
_struct_site_gen.auth_seq_id 
_struct_site_gen.label_atom_id 
_struct_site_gen.label_alt_id 
_struct_site_gen.symmetry 
_struct_site_gen.details 
1 AC1 8 DG  A 5 ? DG  A 5  . ? 1_555 ? 
2 AC1 8 DG  A 5 ? DG  A 5  . ? 3_555 ? 
3 AC1 8 HOH D . ? HOH A 21 . ? 1_555 ? 
4 AC1 8 HOH D . ? HOH A 21 . ? 3_555 ? 
5 AC1 8 DG  B 5 ? DG  B 13 . ? 3_555 ? 
6 AC1 8 DG  B 5 ? DG  B 13 . ? 1_555 ? 
7 AC1 8 HOH E . ? HOH B 59 . ? 1_555 ? 
8 AC1 8 HOH E . ? HOH B 59 . ? 3_555 ? 
# 
loop_
_pdbx_struct_mod_residue.id 
_pdbx_struct_mod_residue.label_asym_id 
_pdbx_struct_mod_residue.label_comp_id 
_pdbx_struct_mod_residue.label_seq_id 
_pdbx_struct_mod_residue.auth_asym_id 
_pdbx_struct_mod_residue.auth_comp_id 
_pdbx_struct_mod_residue.auth_seq_id 
_pdbx_struct_mod_residue.PDB_ins_code 
_pdbx_struct_mod_residue.parent_comp_id 
_pdbx_struct_mod_residue.details 
1 A CBR 2 A CBR 2  ? DC ? 
2 B CBR 2 B CBR 10 ? DC ? 
# 
loop_
_pdbx_struct_special_symmetry.id 
_pdbx_struct_special_symmetry.PDB_model_num 
_pdbx_struct_special_symmetry.auth_asym_id 
_pdbx_struct_special_symmetry.auth_comp_id 
_pdbx_struct_special_symmetry.auth_seq_id 
_pdbx_struct_special_symmetry.PDB_ins_code 
_pdbx_struct_special_symmetry.label_asym_id 
_pdbx_struct_special_symmetry.label_comp_id 
_pdbx_struct_special_symmetry.label_seq_id 
1 1 A K   127 ? C K   . 
2 1 A HOH 89  ? D HOH . 
3 1 B HOH 55  ? E HOH . 
4 1 B HOH 66  ? E HOH . 
5 1 B HOH 84  ? E HOH . 
6 1 B HOH 118 ? E HOH . 
# 
loop_
_chem_comp_atom.comp_id 
_chem_comp_atom.atom_id 
_chem_comp_atom.type_symbol 
_chem_comp_atom.pdbx_aromatic_flag 
_chem_comp_atom.pdbx_stereo_config 
_chem_comp_atom.pdbx_ordinal 
CBR BR     BR N N 1   
CBR P      P  N N 2   
CBR OP1    O  N N 3   
CBR OP2    O  N N 4   
CBR "O5'"  O  N N 5   
CBR N1     N  N N 6   
CBR C6     C  N N 7   
CBR C2     C  N N 8   
CBR O2     O  N N 9   
CBR N3     N  N N 10  
CBR C4     C  N N 11  
CBR N4     N  N N 12  
CBR C5     C  N N 13  
CBR "C2'"  C  N N 14  
CBR "C5'"  C  N N 15  
CBR "C4'"  C  N R 16  
CBR "O4'"  O  N N 17  
CBR "C1'"  C  N R 18  
CBR "C3'"  C  N S 19  
CBR "O3'"  O  N N 20  
CBR OP3    O  N N 21  
CBR HOP2   H  N N 22  
CBR H6     H  N N 23  
CBR H41    H  N N 24  
CBR H42    H  N N 25  
CBR "H2'"  H  N N 26  
CBR "H2''" H  N N 27  
CBR "H5'"  H  N N 28  
CBR "H5''" H  N N 29  
CBR "H4'"  H  N N 30  
CBR "H1'"  H  N N 31  
CBR "H3'"  H  N N 32  
CBR "HO3'" H  N N 33  
CBR HOP3   H  N N 34  
DA  OP3    O  N N 35  
DA  P      P  N N 36  
DA  OP1    O  N N 37  
DA  OP2    O  N N 38  
DA  "O5'"  O  N N 39  
DA  "C5'"  C  N N 40  
DA  "C4'"  C  N R 41  
DA  "O4'"  O  N N 42  
DA  "C3'"  C  N S 43  
DA  "O3'"  O  N N 44  
DA  "C2'"  C  N N 45  
DA  "C1'"  C  N R 46  
DA  N9     N  Y N 47  
DA  C8     C  Y N 48  
DA  N7     N  Y N 49  
DA  C5     C  Y N 50  
DA  C6     C  Y N 51  
DA  N6     N  N N 52  
DA  N1     N  Y N 53  
DA  C2     C  Y N 54  
DA  N3     N  Y N 55  
DA  C4     C  Y N 56  
DA  HOP3   H  N N 57  
DA  HOP2   H  N N 58  
DA  "H5'"  H  N N 59  
DA  "H5''" H  N N 60  
DA  "H4'"  H  N N 61  
DA  "H3'"  H  N N 62  
DA  "HO3'" H  N N 63  
DA  "H2'"  H  N N 64  
DA  "H2''" H  N N 65  
DA  "H1'"  H  N N 66  
DA  H8     H  N N 67  
DA  H61    H  N N 68  
DA  H62    H  N N 69  
DA  H2     H  N N 70  
DC  OP3    O  N N 71  
DC  P      P  N N 72  
DC  OP1    O  N N 73  
DC  OP2    O  N N 74  
DC  "O5'"  O  N N 75  
DC  "C5'"  C  N N 76  
DC  "C4'"  C  N R 77  
DC  "O4'"  O  N N 78  
DC  "C3'"  C  N S 79  
DC  "O3'"  O  N N 80  
DC  "C2'"  C  N N 81  
DC  "C1'"  C  N R 82  
DC  N1     N  N N 83  
DC  C2     C  N N 84  
DC  O2     O  N N 85  
DC  N3     N  N N 86  
DC  C4     C  N N 87  
DC  N4     N  N N 88  
DC  C5     C  N N 89  
DC  C6     C  N N 90  
DC  HOP3   H  N N 91  
DC  HOP2   H  N N 92  
DC  "H5'"  H  N N 93  
DC  "H5''" H  N N 94  
DC  "H4'"  H  N N 95  
DC  "H3'"  H  N N 96  
DC  "HO3'" H  N N 97  
DC  "H2'"  H  N N 98  
DC  "H2''" H  N N 99  
DC  "H1'"  H  N N 100 
DC  H41    H  N N 101 
DC  H42    H  N N 102 
DC  H5     H  N N 103 
DC  H6     H  N N 104 
DG  OP3    O  N N 105 
DG  P      P  N N 106 
DG  OP1    O  N N 107 
DG  OP2    O  N N 108 
DG  "O5'"  O  N N 109 
DG  "C5'"  C  N N 110 
DG  "C4'"  C  N R 111 
DG  "O4'"  O  N N 112 
DG  "C3'"  C  N S 113 
DG  "O3'"  O  N N 114 
DG  "C2'"  C  N N 115 
DG  "C1'"  C  N R 116 
DG  N9     N  Y N 117 
DG  C8     C  Y N 118 
DG  N7     N  Y N 119 
DG  C5     C  Y N 120 
DG  C6     C  N N 121 
DG  O6     O  N N 122 
DG  N1     N  N N 123 
DG  C2     C  N N 124 
DG  N2     N  N N 125 
DG  N3     N  N N 126 
DG  C4     C  Y N 127 
DG  HOP3   H  N N 128 
DG  HOP2   H  N N 129 
DG  "H5'"  H  N N 130 
DG  "H5''" H  N N 131 
DG  "H4'"  H  N N 132 
DG  "H3'"  H  N N 133 
DG  "HO3'" H  N N 134 
DG  "H2'"  H  N N 135 
DG  "H2''" H  N N 136 
DG  "H1'"  H  N N 137 
DG  H8     H  N N 138 
DG  H1     H  N N 139 
DG  H21    H  N N 140 
DG  H22    H  N N 141 
HOH O      O  N N 142 
HOH H1     H  N N 143 
HOH H2     H  N N 144 
K   K      K  N N 145 
# 
loop_
_chem_comp_bond.comp_id 
_chem_comp_bond.atom_id_1 
_chem_comp_bond.atom_id_2 
_chem_comp_bond.value_order 
_chem_comp_bond.pdbx_aromatic_flag 
_chem_comp_bond.pdbx_stereo_config 
_chem_comp_bond.pdbx_ordinal 
CBR BR    C5     sing N N 1   
CBR P     OP1    doub N N 2   
CBR P     OP2    sing N N 3   
CBR P     "O5'"  sing N N 4   
CBR P     OP3    sing N N 5   
CBR OP2   HOP2   sing N N 6   
CBR "O5'" "C5'"  sing N N 7   
CBR N1    C6     sing N N 8   
CBR N1    C2     sing N N 9   
CBR N1    "C1'"  sing N N 10  
CBR C6    C5     doub N N 11  
CBR C6    H6     sing N N 12  
CBR C2    O2     doub N N 13  
CBR C2    N3     sing N N 14  
CBR N3    C4     doub N N 15  
CBR C4    N4     sing N N 16  
CBR C4    C5     sing N N 17  
CBR N4    H41    sing N N 18  
CBR N4    H42    sing N N 19  
CBR "C2'" "C1'"  sing N N 20  
CBR "C2'" "C3'"  sing N N 21  
CBR "C2'" "H2'"  sing N N 22  
CBR "C2'" "H2''" sing N N 23  
CBR "C5'" "C4'"  sing N N 24  
CBR "C5'" "H5'"  sing N N 25  
CBR "C5'" "H5''" sing N N 26  
CBR "C4'" "O4'"  sing N N 27  
CBR "C4'" "C3'"  sing N N 28  
CBR "C4'" "H4'"  sing N N 29  
CBR "O4'" "C1'"  sing N N 30  
CBR "C1'" "H1'"  sing N N 31  
CBR "C3'" "O3'"  sing N N 32  
CBR "C3'" "H3'"  sing N N 33  
CBR "O3'" "HO3'" sing N N 34  
CBR OP3   HOP3   sing N N 35  
DA  OP3   P      sing N N 36  
DA  OP3   HOP3   sing N N 37  
DA  P     OP1    doub N N 38  
DA  P     OP2    sing N N 39  
DA  P     "O5'"  sing N N 40  
DA  OP2   HOP2   sing N N 41  
DA  "O5'" "C5'"  sing N N 42  
DA  "C5'" "C4'"  sing N N 43  
DA  "C5'" "H5'"  sing N N 44  
DA  "C5'" "H5''" sing N N 45  
DA  "C4'" "O4'"  sing N N 46  
DA  "C4'" "C3'"  sing N N 47  
DA  "C4'" "H4'"  sing N N 48  
DA  "O4'" "C1'"  sing N N 49  
DA  "C3'" "O3'"  sing N N 50  
DA  "C3'" "C2'"  sing N N 51  
DA  "C3'" "H3'"  sing N N 52  
DA  "O3'" "HO3'" sing N N 53  
DA  "C2'" "C1'"  sing N N 54  
DA  "C2'" "H2'"  sing N N 55  
DA  "C2'" "H2''" sing N N 56  
DA  "C1'" N9     sing N N 57  
DA  "C1'" "H1'"  sing N N 58  
DA  N9    C8     sing Y N 59  
DA  N9    C4     sing Y N 60  
DA  C8    N7     doub Y N 61  
DA  C8    H8     sing N N 62  
DA  N7    C5     sing Y N 63  
DA  C5    C6     sing Y N 64  
DA  C5    C4     doub Y N 65  
DA  C6    N6     sing N N 66  
DA  C6    N1     doub Y N 67  
DA  N6    H61    sing N N 68  
DA  N6    H62    sing N N 69  
DA  N1    C2     sing Y N 70  
DA  C2    N3     doub Y N 71  
DA  C2    H2     sing N N 72  
DA  N3    C4     sing Y N 73  
DC  OP3   P      sing N N 74  
DC  OP3   HOP3   sing N N 75  
DC  P     OP1    doub N N 76  
DC  P     OP2    sing N N 77  
DC  P     "O5'"  sing N N 78  
DC  OP2   HOP2   sing N N 79  
DC  "O5'" "C5'"  sing N N 80  
DC  "C5'" "C4'"  sing N N 81  
DC  "C5'" "H5'"  sing N N 82  
DC  "C5'" "H5''" sing N N 83  
DC  "C4'" "O4'"  sing N N 84  
DC  "C4'" "C3'"  sing N N 85  
DC  "C4'" "H4'"  sing N N 86  
DC  "O4'" "C1'"  sing N N 87  
DC  "C3'" "O3'"  sing N N 88  
DC  "C3'" "C2'"  sing N N 89  
DC  "C3'" "H3'"  sing N N 90  
DC  "O3'" "HO3'" sing N N 91  
DC  "C2'" "C1'"  sing N N 92  
DC  "C2'" "H2'"  sing N N 93  
DC  "C2'" "H2''" sing N N 94  
DC  "C1'" N1     sing N N 95  
DC  "C1'" "H1'"  sing N N 96  
DC  N1    C2     sing N N 97  
DC  N1    C6     sing N N 98  
DC  C2    O2     doub N N 99  
DC  C2    N3     sing N N 100 
DC  N3    C4     doub N N 101 
DC  C4    N4     sing N N 102 
DC  C4    C5     sing N N 103 
DC  N4    H41    sing N N 104 
DC  N4    H42    sing N N 105 
DC  C5    C6     doub N N 106 
DC  C5    H5     sing N N 107 
DC  C6    H6     sing N N 108 
DG  OP3   P      sing N N 109 
DG  OP3   HOP3   sing N N 110 
DG  P     OP1    doub N N 111 
DG  P     OP2    sing N N 112 
DG  P     "O5'"  sing N N 113 
DG  OP2   HOP2   sing N N 114 
DG  "O5'" "C5'"  sing N N 115 
DG  "C5'" "C4'"  sing N N 116 
DG  "C5'" "H5'"  sing N N 117 
DG  "C5'" "H5''" sing N N 118 
DG  "C4'" "O4'"  sing N N 119 
DG  "C4'" "C3'"  sing N N 120 
DG  "C4'" "H4'"  sing N N 121 
DG  "O4'" "C1'"  sing N N 122 
DG  "C3'" "O3'"  sing N N 123 
DG  "C3'" "C2'"  sing N N 124 
DG  "C3'" "H3'"  sing N N 125 
DG  "O3'" "HO3'" sing N N 126 
DG  "C2'" "C1'"  sing N N 127 
DG  "C2'" "H2'"  sing N N 128 
DG  "C2'" "H2''" sing N N 129 
DG  "C1'" N9     sing N N 130 
DG  "C1'" "H1'"  sing N N 131 
DG  N9    C8     sing Y N 132 
DG  N9    C4     sing Y N 133 
DG  C8    N7     doub Y N 134 
DG  C8    H8     sing N N 135 
DG  N7    C5     sing Y N 136 
DG  C5    C6     sing N N 137 
DG  C5    C4     doub Y N 138 
DG  C6    O6     doub N N 139 
DG  C6    N1     sing N N 140 
DG  N1    C2     sing N N 141 
DG  N1    H1     sing N N 142 
DG  C2    N2     sing N N 143 
DG  C2    N3     doub N N 144 
DG  N2    H21    sing N N 145 
DG  N2    H22    sing N N 146 
DG  N3    C4     sing N N 147 
HOH O     H1     sing N N 148 
HOH O     H2     sing N N 149 
# 
loop_
_ndb_struct_conf_na.entry_id 
_ndb_struct_conf_na.feature 
1V3N 'b-form double helix'  
1V3N 'mismatched base pair' 
1V3N 'internal loop'        
# 
loop_
_ndb_struct_na_base_pair.model_number 
_ndb_struct_na_base_pair.i_label_asym_id 
_ndb_struct_na_base_pair.i_label_comp_id 
_ndb_struct_na_base_pair.i_label_seq_id 
_ndb_struct_na_base_pair.i_symmetry 
_ndb_struct_na_base_pair.j_label_asym_id 
_ndb_struct_na_base_pair.j_label_comp_id 
_ndb_struct_na_base_pair.j_label_seq_id 
_ndb_struct_na_base_pair.j_symmetry 
_ndb_struct_na_base_pair.shear 
_ndb_struct_na_base_pair.stretch 
_ndb_struct_na_base_pair.stagger 
_ndb_struct_na_base_pair.buckle 
_ndb_struct_na_base_pair.propeller 
_ndb_struct_na_base_pair.opening 
_ndb_struct_na_base_pair.pair_number 
_ndb_struct_na_base_pair.pair_name 
_ndb_struct_na_base_pair.i_auth_asym_id 
_ndb_struct_na_base_pair.i_auth_seq_id 
_ndb_struct_na_base_pair.i_PDB_ins_code 
_ndb_struct_na_base_pair.j_auth_asym_id 
_ndb_struct_na_base_pair.j_auth_seq_id 
_ndb_struct_na_base_pair.j_PDB_ins_code 
_ndb_struct_na_base_pair.hbond_type_28 
_ndb_struct_na_base_pair.hbond_type_12 
1 A DG  1 1_555 B DC  8 1_555 -0.107 -0.014 0.010  -3.427  1.750   2.150  1 A_DG1:DC16_B  A 1 ? B 16 ? 19 1 
1 A CBR 2 1_555 B DG  7 1_555 0.168  -0.064 -0.105 17.516  7.131   -1.057 2 A_CBR2:DG15_B A 2 ? B 15 ? 19 1 
1 A DG  3 1_555 B DA  6 1_555 6.349  -4.315 1.252  33.599  -14.032 13.271 3 A_DG3:DA14_B  A 3 ? B 14 ? 11 9 
1 A DA  6 1_555 B DG  3 1_555 -6.474 -4.285 1.395  -28.095 -11.570 15.470 4 A_DA6:DG11_B  A 6 ? B 11 ? 11 9 
1 A DG  7 1_555 B CBR 2 1_555 -0.214 -0.067 -0.220 -16.177 4.142   -0.395 5 A_DG7:CBR10_B A 7 ? B 10 ? 19 1 
1 A DC  8 1_555 B DG  1 1_555 0.386  -0.069 0.167  -3.454  2.464   0.097  6 A_DC8:DG9_B   A 8 ? B 9  ? 19 1 
# 
loop_
_ndb_struct_na_base_pair_step.model_number 
_ndb_struct_na_base_pair_step.i_label_asym_id_1 
_ndb_struct_na_base_pair_step.i_label_comp_id_1 
_ndb_struct_na_base_pair_step.i_label_seq_id_1 
_ndb_struct_na_base_pair_step.i_symmetry_1 
_ndb_struct_na_base_pair_step.j_label_asym_id_1 
_ndb_struct_na_base_pair_step.j_label_comp_id_1 
_ndb_struct_na_base_pair_step.j_label_seq_id_1 
_ndb_struct_na_base_pair_step.j_symmetry_1 
_ndb_struct_na_base_pair_step.i_label_asym_id_2 
_ndb_struct_na_base_pair_step.i_label_comp_id_2 
_ndb_struct_na_base_pair_step.i_label_seq_id_2 
_ndb_struct_na_base_pair_step.i_symmetry_2 
_ndb_struct_na_base_pair_step.j_label_asym_id_2 
_ndb_struct_na_base_pair_step.j_label_comp_id_2 
_ndb_struct_na_base_pair_step.j_label_seq_id_2 
_ndb_struct_na_base_pair_step.j_symmetry_2 
_ndb_struct_na_base_pair_step.shift 
_ndb_struct_na_base_pair_step.slide 
_ndb_struct_na_base_pair_step.rise 
_ndb_struct_na_base_pair_step.tilt 
_ndb_struct_na_base_pair_step.roll 
_ndb_struct_na_base_pair_step.twist 
_ndb_struct_na_base_pair_step.x_displacement 
_ndb_struct_na_base_pair_step.y_displacement 
_ndb_struct_na_base_pair_step.helical_rise 
_ndb_struct_na_base_pair_step.inclination 
_ndb_struct_na_base_pair_step.tip 
_ndb_struct_na_base_pair_step.helical_twist 
_ndb_struct_na_base_pair_step.step_number 
_ndb_struct_na_base_pair_step.step_name 
_ndb_struct_na_base_pair_step.i_auth_asym_id_1 
_ndb_struct_na_base_pair_step.i_auth_seq_id_1 
_ndb_struct_na_base_pair_step.i_PDB_ins_code_1 
_ndb_struct_na_base_pair_step.j_auth_asym_id_1 
_ndb_struct_na_base_pair_step.j_auth_seq_id_1 
_ndb_struct_na_base_pair_step.j_PDB_ins_code_1 
_ndb_struct_na_base_pair_step.i_auth_asym_id_2 
_ndb_struct_na_base_pair_step.i_auth_seq_id_2 
_ndb_struct_na_base_pair_step.i_PDB_ins_code_2 
_ndb_struct_na_base_pair_step.j_auth_asym_id_2 
_ndb_struct_na_base_pair_step.j_auth_seq_id_2 
_ndb_struct_na_base_pair_step.j_PDB_ins_code_2 
1 A DG  1 1_555 B DC  8 1_555 A CBR 2 1_555 B DG  7 1_555 0.315  0.010  2.950 -0.040 0.284  24.441 -0.057 -0.756 2.950 0.672  
0.095  24.443 1 AA_DG1CBR2:DG15DC16_BB A 1 ? B 16 ? A 2 ? B 15 ? 
1 A CBR 2 1_555 B DG  7 1_555 A DG  3 1_555 B DA  6 1_555 0.255  1.891  3.150 2.290  5.414  56.634 1.688  -0.142 3.311 5.689  
-2.406 56.913 2 AA_CBR2DG3:DA14DG15_BB A 2 ? B 15 ? A 3 ? B 14 ? 
1 A DA  6 1_555 B DG  3 1_555 A DG  7 1_555 B CBR 2 1_555 -1.047 1.661  3.242 0.253  8.134  54.993 1.296  1.138  3.432 8.755  
-0.272 55.546 3 AA_DA6DG7:CBR10DG11_BB A 6 ? B 11 ? A 7 ? B 10 ? 
1 A DG  7 1_555 B CBR 2 1_555 A DC  8 1_555 B DG  1 1_555 -0.387 -0.012 3.089 -2.194 -0.333 31.237 0.037  0.325  3.108 -0.618 
4.069  31.314 4 AA_DG7DC8:DG9CBR10_BB  A 7 ? B 10 ? A 8 ? B 9  ? 
# 
_atom_sites.entry_id                    1V3N 
_atom_sites.fract_transf_matrix[1][1]   -0.00416285 
_atom_sites.fract_transf_matrix[1][2]   -0.02877121 
_atom_sites.fract_transf_matrix[1][3]   0.00544858 
_atom_sites.fract_transf_matrix[2][1]   -0.01173889 
_atom_sites.fract_transf_matrix[2][2]   0.00530763 
_atom_sites.fract_transf_matrix[2][3]   0.01905811 
_atom_sites.fract_transf_matrix[3][1]   -0.01321472 
_atom_sites.fract_transf_matrix[3][2]   0.00035199 
_atom_sites.fract_transf_matrix[3][3]   -0.00823767 
_atom_sites.fract_transf_vector[1]      0.187159 
_atom_sites.fract_transf_vector[2]      0.261004 
_atom_sites.fract_transf_vector[3]      0.039291 
# 
loop_
_atom_type.symbol 
BR 
C  
K  
N  
O  
P  
# 
loop_
_atom_site.group_PDB 
_atom_site.id 
_atom_site.type_symbol 
_atom_site.label_atom_id 
_atom_site.label_alt_id 
_atom_site.label_comp_id 
_atom_site.label_asym_id 
_atom_site.label_entity_id 
_atom_site.label_seq_id 
_atom_site.pdbx_PDB_ins_code 
_atom_site.Cartn_x 
_atom_site.Cartn_y 
_atom_site.Cartn_z 
_atom_site.occupancy 
_atom_site.B_iso_or_equiv 
_atom_site.pdbx_formal_charge 
_atom_site.auth_seq_id 
_atom_site.auth_comp_id 
_atom_site.auth_asym_id 
_atom_site.auth_atom_id 
_atom_site.pdbx_PDB_model_num 
ATOM   1   O  "O5'" . DG  A 1 1 ? -11.211 5.643   -10.983 1.00 43.20 ? 1   DG  A "O5'" 1 
ATOM   2   C  "C5'" . DG  A 1 1 ? -12.181 6.683   -11.053 1.00 38.39 ? 1   DG  A "C5'" 1 
ATOM   3   C  "C4'" . DG  A 1 1 ? -12.272 7.456   -9.758  1.00 38.28 ? 1   DG  A "C4'" 1 
ATOM   4   O  "O4'" . DG  A 1 1 ? -12.606 6.561   -8.676  1.00 35.83 ? 1   DG  A "O4'" 1 
ATOM   5   C  "C3'" . DG  A 1 1 ? -10.991 8.160   -9.322  1.00 37.38 ? 1   DG  A "C3'" 1 
ATOM   6   O  "O3'" . DG  A 1 1 ? -11.336 9.346   -8.595  1.00 40.37 ? 1   DG  A "O3'" 1 
ATOM   7   C  "C2'" . DG  A 1 1 ? -10.316 7.124   -8.438  1.00 35.67 ? 1   DG  A "C2'" 1 
ATOM   8   C  "C1'" . DG  A 1 1 ? -11.489 6.369   -7.816  1.00 35.59 ? 1   DG  A "C1'" 1 
ATOM   9   N  N9    . DG  A 1 1 ? -11.306 4.927   -7.654  1.00 31.05 ? 1   DG  A N9    1 
ATOM   10  C  C8    . DG  A 1 1 ? -10.715 4.054   -8.538  1.00 32.13 ? 1   DG  A C8    1 
ATOM   11  N  N7    . DG  A 1 1 ? -10.757 2.809   -8.134  1.00 31.80 ? 1   DG  A N7    1 
ATOM   12  C  C5    . DG  A 1 1 ? -11.398 2.868   -6.903  1.00 25.85 ? 1   DG  A C5    1 
ATOM   13  C  C6    . DG  A 1 1 ? -11.740 1.829   -5.988  1.00 25.14 ? 1   DG  A C6    1 
ATOM   14  O  O6    . DG  A 1 1 ? -11.530 0.618   -6.084  1.00 24.93 ? 1   DG  A O6    1 
ATOM   15  N  N1    . DG  A 1 1 ? -12.388 2.332   -4.864  1.00 21.76 ? 1   DG  A N1    1 
ATOM   16  C  C2    . DG  A 1 1 ? -12.667 3.659   -4.642  1.00 24.93 ? 1   DG  A C2    1 
ATOM   17  N  N2    . DG  A 1 1 ? -13.287 3.957   -3.493  1.00 25.14 ? 1   DG  A N2    1 
ATOM   18  N  N3    . DG  A 1 1 ? -12.357 4.632   -5.485  1.00 28.78 ? 1   DG  A N3    1 
ATOM   19  C  C4    . DG  A 1 1 ? -11.730 4.167   -6.586  1.00 27.63 ? 1   DG  A C4    1 
HETATM 20  BR BR    . CBR A 1 2 ? -6.939  3.955   -7.917  1.00 34.72 ? 2   CBR A BR    1 
HETATM 21  P  P     . CBR A 1 2 ? -10.227 10.475  -8.333  1.00 42.74 ? 2   CBR A P     1 
HETATM 22  O  OP1   . CBR A 1 2 ? -10.914 11.786  -8.181  1.00 44.72 ? 2   CBR A OP1   1 
HETATM 23  O  OP2   . CBR A 1 2 ? -9.164  10.313  -9.361  1.00 43.43 ? 2   CBR A OP2   1 
HETATM 24  O  "O5'" . CBR A 1 2 ? -9.650  10.079  -6.908  1.00 40.74 ? 2   CBR A "O5'" 1 
HETATM 25  N  N1    . CBR A 1 2 ? -8.703  5.874   -4.695  1.00 30.21 ? 2   CBR A N1    1 
HETATM 26  C  C6    . CBR A 1 2 ? -8.021  5.602   -5.854  1.00 24.87 ? 2   CBR A C6    1 
HETATM 27  C  C2    . CBR A 1 2 ? -9.227  4.827   -3.923  1.00 24.27 ? 2   CBR A C2    1 
HETATM 28  O  O2    . CBR A 1 2 ? -9.849  5.104   -2.886  1.00 30.25 ? 2   CBR A O2    1 
HETATM 29  N  N3    . CBR A 1 2 ? -9.055  3.552   -4.325  1.00 26.49 ? 2   CBR A N3    1 
HETATM 30  C  C4    . CBR A 1 2 ? -8.398  3.296   -5.458  1.00 26.32 ? 2   CBR A C4    1 
HETATM 31  N  N4    . CBR A 1 2 ? -8.252  2.015   -5.826  1.00 25.13 ? 2   CBR A N4    1 
HETATM 32  C  C5    . CBR A 1 2 ? -7.860  4.339   -6.266  1.00 23.93 ? 2   CBR A C5    1 
HETATM 33  C  "C2'" . CBR A 1 2 ? -7.770  8.226   -4.268  1.00 36.49 ? 2   CBR A "C2'" 1 
HETATM 34  C  "C5'" . CBR A 1 2 ? -10.510 10.079  -5.780  1.00 40.50 ? 2   CBR A "C5'" 1 
HETATM 35  C  "C4'" . CBR A 1 2 ? -9.924  9.237   -4.676  1.00 38.43 ? 2   CBR A "C4'" 1 
HETATM 36  O  "O4'" . CBR A 1 2 ? -9.922  7.839   -5.022  1.00 35.05 ? 2   CBR A "O4'" 1 
HETATM 37  C  "C1'" . CBR A 1 2 ? -8.928  7.250   -4.221  1.00 32.00 ? 2   CBR A "C1'" 1 
HETATM 38  C  "C3'" . CBR A 1 2 ? -8.486  9.575   -4.271  1.00 39.24 ? 2   CBR A "C3'" 1 
HETATM 39  O  "O3'" . CBR A 1 2 ? -8.512  10.176  -2.969  1.00 40.47 ? 2   CBR A "O3'" 1 
ATOM   40  P  P     . DG  A 1 3 ? -7.156  10.718  -2.300  1.00 41.03 ? 3   DG  A P     1 
ATOM   41  O  OP1   . DG  A 1 3 ? -7.504  11.924  -1.500  1.00 44.71 ? 3   DG  A OP1   1 
ATOM   42  O  OP2   . DG  A 1 3 ? -6.097  10.811  -3.342  1.00 41.69 ? 3   DG  A OP2   1 
ATOM   43  O  "O5'" . DG  A 1 3 ? -6.775  9.551   -1.287  1.00 39.68 ? 3   DG  A "O5'" 1 
ATOM   44  C  "C5'" . DG  A 1 3 ? -7.775  8.981   -0.443  1.00 35.49 ? 3   DG  A "C5'" 1 
ATOM   45  C  "C4'" . DG  A 1 3 ? -7.338  7.629   0.065   1.00 33.10 ? 3   DG  A "C4'" 1 
ATOM   46  O  "O4'" . DG  A 1 3 ? -7.067  6.756   -1.057  1.00 31.59 ? 3   DG  A "O4'" 1 
ATOM   47  C  "C3'" . DG  A 1 3 ? -6.074  7.598   0.925   1.00 31.87 ? 3   DG  A "C3'" 1 
ATOM   48  O  "O3'" . DG  A 1 3 ? -6.230  6.589   1.929   1.00 32.76 ? 3   DG  A "O3'" 1 
ATOM   49  C  "C2'" . DG  A 1 3 ? -4.996  7.201   -0.066  1.00 29.48 ? 3   DG  A "C2'" 1 
ATOM   50  C  "C1'" . DG  A 1 3 ? -5.752  6.233   -0.954  1.00 28.42 ? 3   DG  A "C1'" 1 
ATOM   51  N  N9    . DG  A 1 3 ? -5.217  6.098   -2.306  1.00 27.11 ? 3   DG  A N9    1 
ATOM   52  C  C8    . DG  A 1 3 ? -4.612  7.069   -3.070  1.00 24.21 ? 3   DG  A C8    1 
ATOM   53  N  N7    . DG  A 1 3 ? -4.233  6.633   -4.242  1.00 25.78 ? 3   DG  A N7    1 
ATOM   54  C  C5    . DG  A 1 3 ? -4.606  5.292   -4.248  1.00 24.91 ? 3   DG  A C5    1 
ATOM   55  C  C6    . DG  A 1 3 ? -4.437  4.287   -5.242  1.00 27.90 ? 3   DG  A C6    1 
ATOM   56  O  O6    . DG  A 1 3 ? -3.889  4.379   -6.345  1.00 26.45 ? 3   DG  A O6    1 
ATOM   57  N  N1    . DG  A 1 3 ? -4.976  3.069   -4.837  1.00 29.22 ? 3   DG  A N1    1 
ATOM   58  C  C2    . DG  A 1 3 ? -5.583  2.834   -3.628  1.00 25.64 ? 3   DG  A C2    1 
ATOM   59  N  N2    . DG  A 1 3 ? -6.044  1.589   -3.426  1.00 23.45 ? 3   DG  A N2    1 
ATOM   60  N  N3    . DG  A 1 3 ? -5.729  3.752   -2.689  1.00 25.82 ? 3   DG  A N3    1 
ATOM   61  C  C4    . DG  A 1 3 ? -5.223  4.951   -3.066  1.00 28.22 ? 3   DG  A C4    1 
ATOM   62  P  P     . DA  A 1 4 ? -5.053  6.308   2.989   1.00 34.81 ? 4   DA  A P     1 
ATOM   63  O  OP1   . DA  A 1 4 ? -5.665  6.160   4.338   1.00 36.06 ? 4   DA  A OP1   1 
ATOM   64  O  OP2   . DA  A 1 4 ? -3.965  7.298   2.782   1.00 36.47 ? 4   DA  A OP2   1 
ATOM   65  O  "O5'" . DA  A 1 4 ? -4.522  4.867   2.577   1.00 32.79 ? 4   DA  A "O5'" 1 
ATOM   66  C  "C5'" . DA  A 1 4 ? -5.380  3.733   2.642   1.00 31.76 ? 4   DA  A "C5'" 1 
ATOM   67  C  "C4'" . DA  A 1 4 ? -4.792  2.582   1.860   1.00 30.21 ? 4   DA  A "C4'" 1 
ATOM   68  O  "O4'" . DA  A 1 4 ? -4.788  2.881   0.446   1.00 29.15 ? 4   DA  A "O4'" 1 
ATOM   69  C  "C3'" . DA  A 1 4 ? -3.345  2.259   2.207   1.00 28.98 ? 4   DA  A "C3'" 1 
ATOM   70  O  "O3'" . DA  A 1 4 ? -3.323  1.318   3.281   1.00 30.32 ? 4   DA  A "O3'" 1 
ATOM   71  C  "C2'" . DA  A 1 4 ? -2.828  1.633   0.926   1.00 27.88 ? 4   DA  A "C2'" 1 
ATOM   72  C  "C1'" . DA  A 1 4 ? -3.605  2.373   -0.160  1.00 28.57 ? 4   DA  A "C1'" 1 
ATOM   73  N  N9    . DA  A 1 4 ? -2.880  3.507   -0.729  1.00 25.41 ? 4   DA  A N9    1 
ATOM   74  C  C8    . DA  A 1 4 ? -2.614  4.712   -0.131  1.00 26.32 ? 4   DA  A C8    1 
ATOM   75  N  N7    . DA  A 1 4 ? -1.945  5.542   -0.889  1.00 28.36 ? 4   DA  A N7    1 
ATOM   76  C  C5    . DA  A 1 4 ? -1.758  4.837   -2.070  1.00 27.15 ? 4   DA  A C5    1 
ATOM   77  C  C6    . DA  A 1 4 ? -1.124  5.169   -3.270  1.00 27.97 ? 4   DA  A C6    1 
ATOM   78  N  N6    . DA  A 1 4 ? -0.534  6.347   -3.486  1.00 30.84 ? 4   DA  A N6    1 
ATOM   79  N  N1    . DA  A 1 4 ? -1.113  4.243   -4.255  1.00 29.54 ? 4   DA  A N1    1 
ATOM   80  C  C2    . DA  A 1 4 ? -1.702  3.062   -4.028  1.00 30.03 ? 4   DA  A C2    1 
ATOM   81  N  N3    . DA  A 1 4 ? -2.331  2.631   -2.936  1.00 27.12 ? 4   DA  A N3    1 
ATOM   82  C  C4    . DA  A 1 4 ? -2.326  3.579   -1.984  1.00 27.84 ? 4   DA  A C4    1 
ATOM   83  P  P     . DG  A 1 5 ? -2.358  1.569   4.539   1.00 31.85 ? 5   DG  A P     1 
ATOM   84  O  OP1   . DG  A 1 5 ? -2.740  0.600   5.598   1.00 31.52 ? 5   DG  A OP1   1 
ATOM   85  O  OP2   . DG  A 1 5 ? -2.348  3.021   4.844   1.00 30.64 ? 5   DG  A OP2   1 
ATOM   86  O  "O5'" . DG  A 1 5 ? -0.924  1.177   3.972   1.00 31.24 ? 5   DG  A "O5'" 1 
ATOM   87  C  "C5'" . DG  A 1 5 ? 0.215   1.180   4.820   1.00 28.28 ? 5   DG  A "C5'" 1 
ATOM   88  C  "C4'" . DG  A 1 5 ? 1.327   0.383   4.185   1.00 27.76 ? 5   DG  A "C4'" 1 
ATOM   89  O  "O4'" . DG  A 1 5 ? 1.745   1.003   2.945   1.00 25.62 ? 5   DG  A "O4'" 1 
ATOM   90  C  "C3'" . DG  A 1 5 ? 2.591   0.262   5.041   1.00 27.67 ? 5   DG  A "C3'" 1 
ATOM   91  O  "O3'" . DG  A 1 5 ? 3.089   -1.072  4.932   1.00 31.18 ? 5   DG  A "O3'" 1 
ATOM   92  C  "C2'" . DG  A 1 5 ? 3.562   1.213   4.372   1.00 27.29 ? 5   DG  A "C2'" 1 
ATOM   93  C  "C1'" . DG  A 1 5 ? 3.163   1.006   2.930   1.00 26.51 ? 5   DG  A "C1'" 1 
ATOM   94  N  N9    . DG  A 1 5 ? 3.622   2.028   1.996   1.00 23.54 ? 5   DG  A N9    1 
ATOM   95  C  C8    . DG  A 1 5 ? 3.809   3.367   2.231   1.00 22.82 ? 5   DG  A C8    1 
ATOM   96  N  N7    . DG  A 1 5 ? 4.262   4.010   1.185   1.00 22.85 ? 5   DG  A N7    1 
ATOM   97  C  C5    . DG  A 1 5 ? 4.371   3.032   0.205   1.00 20.94 ? 5   DG  A C5    1 
ATOM   98  C  C6    . DG  A 1 5 ? 4.813   3.118   -1.142  1.00 23.68 ? 5   DG  A C6    1 
ATOM   99  O  O6    . DG  A 1 5 ? 5.221   4.103   -1.758  1.00 22.55 ? 5   DG  A O6    1 
ATOM   100 N  N1    . DG  A 1 5 ? 4.751   1.884   -1.779  1.00 21.62 ? 5   DG  A N1    1 
ATOM   101 C  C2    . DG  A 1 5 ? 4.325   0.712   -1.196  1.00 23.47 ? 5   DG  A C2    1 
ATOM   102 N  N2    . DG  A 1 5 ? 4.323   -0.377  -1.973  1.00 22.43 ? 5   DG  A N2    1 
ATOM   103 N  N3    . DG  A 1 5 ? 3.925   0.619   0.053   1.00 22.03 ? 5   DG  A N3    1 
ATOM   104 C  C4    . DG  A 1 5 ? 3.972   1.808   0.690   1.00 22.88 ? 5   DG  A C4    1 
ATOM   105 P  P     . DA  A 1 6 ? 3.730   -1.784  6.214   1.00 31.13 ? 6   DA  A P     1 
ATOM   106 O  OP1   . DA  A 1 6 ? 2.852   -1.533  7.382   1.00 35.67 ? 6   DA  A OP1   1 
ATOM   107 O  OP2   . DA  A 1 6 ? 5.156   -1.373  6.259   1.00 34.51 ? 6   DA  A OP2   1 
ATOM   108 O  "O5'" . DA  A 1 6 ? 3.627   -3.325  5.866   1.00 33.13 ? 6   DA  A "O5'" 1 
ATOM   109 C  "C5'" . DA  A 1 6 ? 4.179   -3.836  4.667   1.00 31.52 ? 6   DA  A "C5'" 1 
ATOM   110 C  "C4'" . DA  A 1 6 ? 4.037   -5.337  4.653   1.00 30.22 ? 6   DA  A "C4'" 1 
ATOM   111 O  "O4'" . DA  A 1 6 ? 5.014   -5.843  3.724   1.00 27.31 ? 6   DA  A "O4'" 1 
ATOM   112 C  "C3'" . DA  A 1 6 ? 4.432   -5.972  5.979   1.00 30.89 ? 6   DA  A "C3'" 1 
ATOM   113 O  "O3'" . DA  A 1 6 ? 3.974   -7.323  6.018   1.00 31.93 ? 6   DA  A "O3'" 1 
ATOM   114 C  "C2'" . DA  A 1 6 ? 5.944   -5.937  5.910   1.00 28.29 ? 6   DA  A "C2'" 1 
ATOM   115 C  "C1'" . DA  A 1 6 ? 6.206   -6.183  4.428   1.00 28.27 ? 6   DA  A "C1'" 1 
ATOM   116 N  N9    . DA  A 1 6 ? 7.287   -5.382  3.864   1.00 25.88 ? 6   DA  A N9    1 
ATOM   117 C  C8    . DA  A 1 6 ? 7.634   -4.073  4.127   1.00 26.41 ? 6   DA  A C8    1 
ATOM   118 N  N7    . DA  A 1 6 ? 8.649   -3.644  3.414   1.00 23.47 ? 6   DA  A N7    1 
ATOM   119 C  C5    . DA  A 1 6 ? 8.993   -4.741  2.633   1.00 20.75 ? 6   DA  A C5    1 
ATOM   120 C  C6    . DA  A 1 6 ? 9.978   -4.932  1.647   1.00 22.33 ? 6   DA  A C6    1 
ATOM   121 N  N6    . DA  A 1 6 ? 10.829  -3.981  1.256   1.00 20.93 ? 6   DA  A N6    1 
ATOM   122 N  N1    . DA  A 1 6 ? 10.055  -6.150  1.067   1.00 20.03 ? 6   DA  A N1    1 
ATOM   123 C  C2    . DA  A 1 6 ? 9.191   -7.105  1.454   1.00 24.68 ? 6   DA  A C2    1 
ATOM   124 N  N3    . DA  A 1 6 ? 8.216   -7.043  2.361   1.00 20.57 ? 6   DA  A N3    1 
ATOM   125 C  C4    . DA  A 1 6 ? 8.170   -5.820  2.913   1.00 24.43 ? 6   DA  A C4    1 
ATOM   126 P  P     . DG  A 1 7 ? 4.227   -8.214  7.324   1.00 33.36 ? 7   DG  A P     1 
ATOM   127 O  OP1   . DG  A 1 7 ? 3.194   -9.277  7.307   1.00 33.98 ? 7   DG  A OP1   1 
ATOM   128 O  OP2   . DG  A 1 7 ? 4.334   -7.303  8.490   1.00 30.88 ? 7   DG  A OP2   1 
ATOM   129 O  "O5'" . DG  A 1 7 ? 5.655   -8.869  7.061   1.00 31.37 ? 7   DG  A "O5'" 1 
ATOM   130 C  "C5'" . DG  A 1 7 ? 5.892   -9.638  5.882   1.00 31.38 ? 7   DG  A "C5'" 1 
ATOM   131 C  "C4'" . DG  A 1 7 ? 7.369   -9.905  5.714   1.00 31.83 ? 7   DG  A "C4'" 1 
ATOM   132 O  "O4'" . DG  A 1 7 ? 8.081   -8.690  5.369   1.00 30.17 ? 7   DG  A "O4'" 1 
ATOM   133 C  "C3'" . DG  A 1 7 ? 8.076   -10.484 6.941   1.00 32.84 ? 7   DG  A "C3'" 1 
ATOM   134 O  "O3'" . DG  A 1 7 ? 8.921   -11.556 6.515   1.00 34.71 ? 7   DG  A "O3'" 1 
ATOM   135 C  "C2'" . DG  A 1 7 ? 8.898   -9.314  7.463   1.00 31.05 ? 7   DG  A "C2'" 1 
ATOM   136 C  "C1'" . DG  A 1 7 ? 9.241   -8.584  6.176   1.00 28.52 ? 7   DG  A "C1'" 1 
ATOM   137 N  N9    . DG  A 1 7 ? 9.576   -7.166  6.303   1.00 26.30 ? 7   DG  A N9    1 
ATOM   138 C  C8    . DG  A 1 7 ? 9.075   -6.253  7.207   1.00 24.62 ? 7   DG  A C8    1 
ATOM   139 N  N7    . DG  A 1 7 ? 9.570   -5.052  7.049   1.00 25.65 ? 7   DG  A N7    1 
ATOM   140 C  C5    . DG  A 1 7 ? 10.451  -5.179  5.981   1.00 24.08 ? 7   DG  A C5    1 
ATOM   141 C  C6    . DG  A 1 7 ? 11.279  -4.213  5.340   1.00 24.08 ? 7   DG  A C6    1 
ATOM   142 O  O6    . DG  A 1 7 ? 11.406  -3.011  5.594   1.00 21.76 ? 7   DG  A O6    1 
ATOM   143 N  N1    . DG  A 1 7 ? 12.005  -4.775  4.297   1.00 21.29 ? 7   DG  A N1    1 
ATOM   144 C  C2    . DG  A 1 7 ? 11.954  -6.091  3.912   1.00 24.44 ? 7   DG  A C2    1 
ATOM   145 N  N2    . DG  A 1 7 ? 12.744  -6.442  2.868   1.00 21.17 ? 7   DG  A N2    1 
ATOM   146 N  N3    . DG  A 1 7 ? 11.190  -6.998  4.496   1.00 25.83 ? 7   DG  A N3    1 
ATOM   147 C  C4    . DG  A 1 7 ? 10.469  -6.477  5.514   1.00 25.61 ? 7   DG  A C4    1 
ATOM   148 P  P     . DC  A 1 8 ? 9.437   -12.642 7.576   1.00 36.64 ? 8   DC  A P     1 
ATOM   149 O  OP1   . DC  A 1 8 ? 8.760   -13.927 7.272   1.00 38.02 ? 8   DC  A OP1   1 
ATOM   150 O  OP2   . DC  A 1 8 ? 9.313   -12.046 8.932   1.00 32.19 ? 8   DC  A OP2   1 
ATOM   151 O  "O5'" . DC  A 1 8 ? 10.977  -12.793 7.210   1.00 37.05 ? 8   DC  A "O5'" 1 
ATOM   152 C  "C5'" . DC  A 1 8 ? 11.378  -13.127 5.880   1.00 35.81 ? 8   DC  A "C5'" 1 
ATOM   153 C  "C4'" . DC  A 1 8 ? 12.649  -12.398 5.515   1.00 35.46 ? 8   DC  A "C4'" 1 
ATOM   154 O  "O4'" . DC  A 1 8 ? 12.444  -10.977 5.421   1.00 32.94 ? 8   DC  A "O4'" 1 
ATOM   155 C  "C3'" . DC  A 1 8 ? 13.799  -12.535 6.502   1.00 36.14 ? 8   DC  A "C3'" 1 
ATOM   156 O  "O3'" . DC  A 1 8 ? 14.428  -13.818 6.448   1.00 39.18 ? 8   DC  A "O3'" 1 
ATOM   157 C  "C2'" . DC  A 1 8 ? 14.686  -11.353 6.141   1.00 34.39 ? 8   DC  A "C2'" 1 
ATOM   158 C  "C1'" . DC  A 1 8 ? 13.728  -10.357 5.474   1.00 32.07 ? 8   DC  A "C1'" 1 
ATOM   159 N  N1    . DC  A 1 8 ? 13.592  -9.065  6.174   1.00 29.12 ? 8   DC  A N1    1 
ATOM   160 C  C2    . DC  A 1 8 ? 14.272  -7.955  5.663   1.00 29.24 ? 8   DC  A C2    1 
ATOM   161 O  O2    . DC  A 1 8 ? 14.954  -8.095  4.638   1.00 30.84 ? 8   DC  A O2    1 
ATOM   162 N  N3    . DC  A 1 8 ? 14.166  -6.762  6.295   1.00 26.28 ? 8   DC  A N3    1 
ATOM   163 C  C4    . DC  A 1 8 ? 13.406  -6.652  7.389   1.00 27.97 ? 8   DC  A C4    1 
ATOM   164 N  N4    . DC  A 1 8 ? 13.315  -5.455  7.971   1.00 25.41 ? 8   DC  A N4    1 
ATOM   165 C  C5    . DC  A 1 8 ? 12.699  -7.767  7.930   1.00 27.89 ? 8   DC  A C5    1 
ATOM   166 C  C6    . DC  A 1 8 ? 12.822  -8.944  7.297   1.00 28.69 ? 8   DC  A C6    1 
ATOM   167 O  "O5'" . DG  B 1 1 ? 19.830  1.684   3.560   1.00 34.31 ? 9   DG  B "O5'" 1 
ATOM   168 C  "C5'" . DG  B 1 1 ? 20.809  0.821   2.996   1.00 30.39 ? 9   DG  B "C5'" 1 
ATOM   169 C  "C4'" . DG  B 1 1 ? 20.258  -0.106  1.937   1.00 27.32 ? 9   DG  B "C4'" 1 
ATOM   170 O  "O4'" . DG  B 1 1 ? 19.493  -1.191  2.511   1.00 27.27 ? 9   DG  B "O4'" 1 
ATOM   171 C  "C3'" . DG  B 1 1 ? 19.370  0.508   0.863   1.00 26.85 ? 9   DG  B "C3'" 1 
ATOM   172 O  "O3'" . DG  B 1 1 ? 19.682  -0.113  -0.390  1.00 27.65 ? 9   DG  B "O3'" 1 
ATOM   173 C  "C2'" . DG  B 1 1 ? 17.962  0.167   1.332   1.00 25.07 ? 9   DG  B "C2'" 1 
ATOM   174 C  "C1'" . DG  B 1 1 ? 18.146  -1.162  2.056   1.00 26.09 ? 9   DG  B "C1'" 1 
ATOM   175 N  N9    . DG  B 1 1 ? 17.290  -1.364  3.225   1.00 28.57 ? 9   DG  B N9    1 
ATOM   176 C  C8    . DG  B 1 1 ? 16.913  -0.416  4.148   1.00 28.42 ? 9   DG  B C8    1 
ATOM   177 N  N7    . DG  B 1 1 ? 16.193  -0.905  5.123   1.00 27.83 ? 9   DG  B N7    1 
ATOM   178 C  C5    . DG  B 1 1 ? 16.075  -2.257  4.821   1.00 27.43 ? 9   DG  B C5    1 
ATOM   179 C  C6    . DG  B 1 1 ? 15.405  -3.303  5.519   1.00 26.35 ? 9   DG  B C6    1 
ATOM   180 O  O6    . DG  B 1 1 ? 14.761  -3.236  6.575   1.00 24.46 ? 9   DG  B O6    1 
ATOM   181 N  N1    . DG  B 1 1 ? 15.533  -4.525  4.859   1.00 25.95 ? 9   DG  B N1    1 
ATOM   182 C  C2    . DG  B 1 1 ? 16.214  -4.715  3.677   1.00 27.28 ? 9   DG  B C2    1 
ATOM   183 N  N2    . DG  B 1 1 ? 16.229  -5.968  3.188   1.00 24.13 ? 9   DG  B N2    1 
ATOM   184 N  N3    . DG  B 1 1 ? 16.839  -3.746  3.018   1.00 25.82 ? 9   DG  B N3    1 
ATOM   185 C  C4    . DG  B 1 1 ? 16.732  -2.554  3.644   1.00 26.11 ? 9   DG  B C4    1 
HETATM 186 BR BR    . CBR B 1 2 ? 14.309  1.268   2.484   1.00 27.44 ? 10  CBR B BR    1 
HETATM 187 P  P     . CBR B 1 2 ? 18.897  0.328   -1.721  1.00 26.87 ? 10  CBR B P     1 
HETATM 188 O  OP1   . CBR B 1 2 ? 19.831  0.193   -2.877  1.00 27.29 ? 10  CBR B OP1   1 
HETATM 189 O  OP2   . CBR B 1 2 ? 18.230  1.625   -1.457  1.00 25.94 ? 10  CBR B OP2   1 
HETATM 190 O  "O5'" . CBR B 1 2 ? 17.779  -0.792  -1.873  1.00 24.61 ? 10  CBR B "O5'" 1 
HETATM 191 N  N1    . CBR B 1 2 ? 14.449  -2.381  0.510   1.00 24.45 ? 10  CBR B N1    1 
HETATM 192 C  C6    . CBR B 1 2 ? 14.507  -1.046  0.807   1.00 26.97 ? 10  CBR B C6    1 
HETATM 193 C  C2    . CBR B 1 2 ? 13.901  -3.283  1.434   1.00 25.33 ? 10  CBR B C2    1 
HETATM 194 O  O2    . CBR B 1 2 ? 13.871  -4.484  1.145   1.00 23.76 ? 10  CBR B O2    1 
HETATM 195 N  N3    . CBR B 1 2 ? 13.424  -2.822  2.620   1.00 26.73 ? 10  CBR B N3    1 
HETATM 196 C  C4    . CBR B 1 2 ? 13.487  -1.520  2.902   1.00 25.89 ? 10  CBR B C4    1 
HETATM 197 N  N4    . CBR B 1 2 ? 12.993  -1.111  4.076   1.00 24.19 ? 10  CBR B N4    1 
HETATM 198 C  C5    . CBR B 1 2 ? 14.053  -0.581  1.991   1.00 26.29 ? 10  CBR B C5    1 
HETATM 199 C  "C2'" . CBR B 1 2 ? 14.708  -2.112  -2.030  1.00 26.28 ? 10  CBR B "C2'" 1 
HETATM 200 C  "C5'" . CBR B 1 2 ? 18.149  -2.154  -2.048  1.00 24.65 ? 10  CBR B "C5'" 1 
HETATM 201 C  "C4'" . CBR B 1 2 ? 16.929  -3.037  -2.003  1.00 26.45 ? 10  CBR B "C4'" 1 
HETATM 202 O  "O4'" . CBR B 1 2 ? 16.368  -3.010  -0.668  1.00 27.24 ? 10  CBR B "O4'" 1 
HETATM 203 C  "C1'" . CBR B 1 2 ? 14.964  -2.919  -0.767  1.00 27.03 ? 10  CBR B "C1'" 1 
HETATM 204 C  "C3'" . CBR B 1 2 ? 15.798  -2.638  -2.958  1.00 27.86 ? 10  CBR B "C3'" 1 
HETATM 205 O  "O3'" . CBR B 1 2 ? 15.377  -3.804  -3.675  1.00 29.52 ? 10  CBR B "O3'" 1 
ATOM   206 P  P     . DG  B 1 3 ? 14.292  -3.679  -4.854  1.00 29.33 ? 11  DG  B P     1 
ATOM   207 O  OP1   . DG  B 1 3 ? 14.396  -4.932  -5.645  1.00 32.97 ? 11  DG  B OP1   1 
ATOM   208 O  OP2   . DG  B 1 3 ? 14.438  -2.366  -5.523  1.00 30.44 ? 11  DG  B OP2   1 
ATOM   209 O  "O5'" . DG  B 1 3 ? 12.899  -3.688  -4.085  1.00 28.91 ? 11  DG  B "O5'" 1 
ATOM   210 C  "C5'" . DG  B 1 3 ? 12.572  -4.753  -3.199  1.00 27.31 ? 11  DG  B "C5'" 1 
ATOM   211 C  "C4'" . DG  B 1 3 ? 11.349  -4.403  -2.382  1.00 27.06 ? 11  DG  B "C4'" 1 
ATOM   212 O  "O4'" . DG  B 1 3 ? 11.610  -3.260  -1.528  1.00 26.11 ? 11  DG  B "O4'" 1 
ATOM   213 C  "C3'" . DG  B 1 3 ? 10.081  -4.058  -3.173  1.00 25.32 ? 11  DG  B "C3'" 1 
ATOM   214 O  "O3'" . DG  B 1 3 ? 8.972   -4.628  -2.484  1.00 26.45 ? 11  DG  B "O3'" 1 
ATOM   215 C  "C2'" . DG  B 1 3 ? 9.998   -2.551  -3.035  1.00 26.28 ? 11  DG  B "C2'" 1 
ATOM   216 C  "C1'" . DG  B 1 3 ? 10.492  -2.393  -1.613  1.00 26.09 ? 11  DG  B "C1'" 1 
ATOM   217 N  N9    . DG  B 1 3 ? 10.911  -1.044  -1.245  1.00 23.75 ? 11  DG  B N9    1 
ATOM   218 C  C8    . DG  B 1 3 ? 11.493  -0.100  -2.063  1.00 22.80 ? 11  DG  B C8    1 
ATOM   219 N  N7    . DG  B 1 3 ? 11.710  1.037   -1.461  1.00 19.30 ? 11  DG  B N7    1 
ATOM   220 C  C5    . DG  B 1 3 ? 11.252  0.835   -0.164  1.00 21.12 ? 11  DG  B C5    1 
ATOM   221 C  C6    . DG  B 1 3 ? 11.216  1.719   0.954   1.00 22.42 ? 11  DG  B C6    1 
ATOM   222 O  O6    . DG  B 1 3 ? 11.590  2.902   1.019   1.00 26.46 ? 11  DG  B O6    1 
ATOM   223 N  N1    . DG  B 1 3 ? 10.684  1.095   2.082   1.00 20.71 ? 11  DG  B N1    1 
ATOM   224 C  C2    . DG  B 1 3 ? 10.246  -0.212  2.133   1.00 20.24 ? 11  DG  B C2    1 
ATOM   225 N  N2    . DG  B 1 3 ? 9.789   -0.646  3.333   1.00 22.02 ? 11  DG  B N2    1 
ATOM   226 N  N3    . DG  B 1 3 ? 10.260  -1.036  1.098   1.00 20.48 ? 11  DG  B N3    1 
ATOM   227 C  C4    . DG  B 1 3 ? 10.772  -0.453  -0.011  1.00 20.22 ? 11  DG  B C4    1 
ATOM   228 P  P     . DA  B 1 4 ? 7.533   -4.713  -3.190  1.00 26.99 ? 12  DA  B P     1 
ATOM   229 O  OP1   . DA  B 1 4 ? 7.352   -6.120  -3.625  1.00 31.82 ? 12  DA  B OP1   1 
ATOM   230 O  OP2   . DA  B 1 4 ? 7.392   -3.613  -4.180  1.00 28.18 ? 12  DA  B OP2   1 
ATOM   231 O  "O5'" . DA  B 1 4 ? 6.532   -4.433  -1.979  1.00 27.03 ? 12  DA  B "O5'" 1 
ATOM   232 C  "C5'" . DA  B 1 4 ? 6.648   -5.155  -0.749  1.00 24.88 ? 12  DA  B "C5'" 1 
ATOM   233 C  "C4'" . DA  B 1 4 ? 6.242   -4.283  0.420   1.00 23.89 ? 12  DA  B "C4'" 1 
ATOM   234 O  "O4'" . DA  B 1 4 ? 7.253   -3.301  0.741   1.00 23.96 ? 12  DA  B "O4'" 1 
ATOM   235 C  "C3'" . DA  B 1 4 ? 4.964   -3.481  0.212   1.00 25.16 ? 12  DA  B "C3'" 1 
ATOM   236 O  "O3'" . DA  B 1 4 ? 3.840   -4.302  0.525   1.00 28.60 ? 12  DA  B "O3'" 1 
ATOM   237 C  "C2'" . DA  B 1 4 ? 5.128   -2.342  1.203   1.00 24.56 ? 12  DA  B "C2'" 1 
ATOM   238 C  "C1'" . DA  B 1 4 ? 6.641   -2.100  1.204   1.00 22.40 ? 12  DA  B "C1'" 1 
ATOM   239 N  N9    . DA  B 1 4 ? 7.077   -1.018  0.322   1.00 23.67 ? 12  DA  B N9    1 
ATOM   240 C  C8    . DA  B 1 4 ? 7.367   -1.109  -1.019  1.00 21.69 ? 12  DA  B C8    1 
ATOM   241 N  N7    . DA  B 1 4 ? 7.745   0.024   -1.555  1.00 20.45 ? 12  DA  B N7    1 
ATOM   242 C  C5    . DA  B 1 4 ? 7.704   0.924   -0.499  1.00 23.46 ? 12  DA  B C5    1 
ATOM   243 C  C6    . DA  B 1 4 ? 8.001   2.299   -0.413  1.00 21.03 ? 12  DA  B C6    1 
ATOM   244 N  N6    . DA  B 1 4 ? 8.409   3.044   -1.449  1.00 22.24 ? 12  DA  B N6    1 
ATOM   245 N  N1    . DA  B 1 4 ? 7.857   2.895   0.789   1.00 23.35 ? 12  DA  B N1    1 
ATOM   246 C  C2    . DA  B 1 4 ? 7.444   2.156   1.828   1.00 20.92 ? 12  DA  B C2    1 
ATOM   247 N  N3    . DA  B 1 4 ? 7.135   0.861   1.873   1.00 23.41 ? 12  DA  B N3    1 
ATOM   248 C  C4    . DA  B 1 4 ? 7.289   0.295   0.663   1.00 22.28 ? 12  DA  B C4    1 
ATOM   249 P  P     . DG  B 1 5 ? 2.506   -4.193  -0.356  1.00 31.01 ? 13  DG  B P     1 
ATOM   250 O  OP1   . DG  B 1 5 ? 1.754   -5.471  -0.253  1.00 34.81 ? 13  DG  B OP1   1 
ATOM   251 O  OP2   . DG  B 1 5 ? 2.865   -3.667  -1.687  1.00 32.35 ? 13  DG  B OP2   1 
ATOM   252 O  "O5'" . DG  B 1 5 ? 1.664   -3.122  0.451   1.00 35.09 ? 13  DG  B "O5'" 1 
ATOM   253 C  "C5'" . DG  B 1 5 ? 1.848   -1.750  0.242   1.00 29.25 ? 13  DG  B "C5'" 1 
ATOM   254 C  "C4'" . DG  B 1 5 ? 0.509   -1.066  0.303   1.00 29.26 ? 13  DG  B "C4'" 1 
ATOM   255 O  "O4'" . DG  B 1 5 ? 0.686   0.211   -0.344  1.00 24.98 ? 13  DG  B "O4'" 1 
ATOM   256 C  "C3'" . DG  B 1 5 ? -0.546  -1.810  -0.520  1.00 28.64 ? 13  DG  B "C3'" 1 
ATOM   257 O  "O3'" . DG  B 1 5 ? -1.840  -1.650  0.055   1.00 30.91 ? 13  DG  B "O3'" 1 
ATOM   258 C  "C2'" . DG  B 1 5 ? -0.469  -1.149  -1.880  1.00 27.54 ? 13  DG  B "C2'" 1 
ATOM   259 C  "C1'" . DG  B 1 5 ? -0.101  0.280   -1.525  1.00 28.28 ? 13  DG  B "C1'" 1 
ATOM   260 N  N9    . DG  B 1 5 ? 0.697   0.943   -2.547  1.00 24.92 ? 13  DG  B N9    1 
ATOM   261 C  C8    . DG  B 1 5 ? 1.089   0.425   -3.759  1.00 28.14 ? 13  DG  B C8    1 
ATOM   262 N  N7    . DG  B 1 5 ? 1.794   1.261   -4.466  1.00 25.08 ? 13  DG  B N7    1 
ATOM   263 C  C5    . DG  B 1 5 ? 1.868   2.398   -3.676  1.00 24.59 ? 13  DG  B C5    1 
ATOM   264 C  C6    . DG  B 1 5 ? 2.489   3.645   -3.923  1.00 23.62 ? 13  DG  B C6    1 
ATOM   265 O  O6    . DG  B 1 5 ? 3.105   4.006   -4.927  1.00 19.99 ? 13  DG  B O6    1 
ATOM   266 N  N1    . DG  B 1 5 ? 2.328   4.521   -2.851  1.00 20.81 ? 13  DG  B N1    1 
ATOM   267 C  C2    . DG  B 1 5 ? 1.641   4.236   -1.697  1.00 21.86 ? 13  DG  B C2    1 
ATOM   268 N  N2    . DG  B 1 5 ? 1.595   5.211   -0.778  1.00 21.50 ? 13  DG  B N2    1 
ATOM   269 N  N3    . DG  B 1 5 ? 1.043   3.082   -1.461  1.00 24.23 ? 13  DG  B N3    1 
ATOM   270 C  C4    . DG  B 1 5 ? 1.199   2.213   -2.486  1.00 25.65 ? 13  DG  B C4    1 
ATOM   271 P  P     . DA  B 1 6 ? -3.015  -2.684  -0.312  1.00 34.43 ? 14  DA  B P     1 
ATOM   272 O  OP1   . DA  B 1 6 ? -2.440  -4.023  -0.605  1.00 37.45 ? 14  DA  B OP1   1 
ATOM   273 O  OP2   . DA  B 1 6 ? -3.874  -2.018  -1.327  1.00 37.26 ? 14  DA  B OP2   1 
ATOM   274 O  "O5'" . DA  B 1 6 ? -3.829  -2.790  1.046   1.00 33.66 ? 14  DA  B "O5'" 1 
ATOM   275 C  "C5'" . DA  B 1 6 ? -4.395  -1.637  1.638   1.00 33.02 ? 14  DA  B "C5'" 1 
ATOM   276 C  "C4'" . DA  B 1 6 ? -5.219  -2.018  2.845   1.00 33.02 ? 14  DA  B "C4'" 1 
ATOM   277 O  "O4'" . DA  B 1 6 ? -6.073  -0.888  3.113   1.00 31.77 ? 14  DA  B "O4'" 1 
ATOM   278 C  "C3'" . DA  B 1 6 ? -6.203  -3.156  2.598   1.00 32.93 ? 14  DA  B "C3'" 1 
ATOM   279 O  "O3'" . DA  B 1 6 ? -6.709  -3.657  3.845   1.00 34.80 ? 14  DA  B "O3'" 1 
ATOM   280 C  "C2'" . DA  B 1 6 ? -7.304  -2.464  1.820   1.00 31.09 ? 14  DA  B "C2'" 1 
ATOM   281 C  "C1'" . DA  B 1 6 ? -7.288  -1.042  2.376   1.00 32.66 ? 14  DA  B "C1'" 1 
ATOM   282 N  N9    . DA  B 1 6 ? -7.323  -0.004  1.347   1.00 29.46 ? 14  DA  B N9    1 
ATOM   283 C  C8    . DA  B 1 6 ? -6.768  -0.033  0.085   1.00 28.17 ? 14  DA  B C8    1 
ATOM   284 N  N7    . DA  B 1 6 ? -6.950  1.075   -0.596  1.00 27.18 ? 14  DA  B N7    1 
ATOM   285 C  C5    . DA  B 1 6 ? -7.684  1.881   0.268   1.00 29.64 ? 14  DA  B C5    1 
ATOM   286 C  C6    . DA  B 1 6 ? -8.193  3.182   0.143   1.00 26.73 ? 14  DA  B C6    1 
ATOM   287 N  N6    . DA  B 1 6 ? -8.047  3.933   -0.947  1.00 29.69 ? 14  DA  B N6    1 
ATOM   288 N  N1    . DA  B 1 6 ? -8.872  3.696   1.191   1.00 32.27 ? 14  DA  B N1    1 
ATOM   289 C  C2    . DA  B 1 6 ? -9.027  2.940   2.287   1.00 28.67 ? 14  DA  B C2    1 
ATOM   290 N  N3    . DA  B 1 6 ? -8.598  1.706   2.525   1.00 28.21 ? 14  DA  B N3    1 
ATOM   291 C  C4    . DA  B 1 6 ? -7.924  1.226   1.465   1.00 29.90 ? 14  DA  B C4    1 
ATOM   292 P  P     . DG  B 1 7 ? -7.784  -4.861  3.856   1.00 33.70 ? 15  DG  B P     1 
ATOM   293 O  OP1   . DG  B 1 7 ? -7.852  -5.366  5.255   1.00 37.06 ? 15  DG  B OP1   1 
ATOM   294 O  OP2   . DG  B 1 7 ? -7.470  -5.803  2.747   1.00 35.49 ? 15  DG  B OP2   1 
ATOM   295 O  "O5'" . DG  B 1 7 ? -9.169  -4.150  3.505   1.00 32.90 ? 15  DG  B "O5'" 1 
ATOM   296 C  "C5'" . DG  B 1 7 ? -9.709  -3.143  4.361   1.00 31.64 ? 15  DG  B "C5'" 1 
ATOM   297 C  "C4'" . DG  B 1 7 ? -10.730 -2.310  3.622   1.00 33.62 ? 15  DG  B "C4'" 1 
ATOM   298 O  "O4'" . DG  B 1 7 ? -10.126 -1.725  2.450   1.00 34.90 ? 15  DG  B "O4'" 1 
ATOM   299 C  "C3'" . DG  B 1 7 ? -11.978 -3.047  3.132   1.00 33.61 ? 15  DG  B "C3'" 1 
ATOM   300 O  "O3'" . DG  B 1 7 ? -13.078 -2.700  3.985   1.00 32.92 ? 15  DG  B "O3'" 1 
ATOM   301 C  "C2'" . DG  B 1 7 ? -12.191 -2.546  1.706   1.00 32.85 ? 15  DG  B "C2'" 1 
ATOM   302 C  "C1'" . DG  B 1 7 ? -11.140 -1.455  1.507   1.00 32.89 ? 15  DG  B "C1'" 1 
ATOM   303 N  N9    . DG  B 1 7 ? -10.514 -1.414  0.185   1.00 28.58 ? 15  DG  B N9    1 
ATOM   304 C  C8    . DG  B 1 7 ? -9.876  -2.444  -0.463  1.00 27.62 ? 15  DG  B C8    1 
ATOM   305 N  N7    . DG  B 1 7 ? -9.395  -2.097  -1.629  1.00 25.80 ? 15  DG  B N7    1 
ATOM   306 C  C5    . DG  B 1 7 ? -9.739  -0.757  -1.761  1.00 26.20 ? 15  DG  B C5    1 
ATOM   307 C  C6    . DG  B 1 7 ? -9.481  0.163   -2.818  1.00 24.20 ? 15  DG  B C6    1 
ATOM   308 O  O6    . DG  B 1 7 ? -8.872  -0.031  -3.879  1.00 25.15 ? 15  DG  B O6    1 
ATOM   309 N  N1    . DG  B 1 7 ? -10.019 1.416   -2.545  1.00 24.94 ? 15  DG  B N1    1 
ATOM   310 C  C2    . DG  B 1 7 ? -10.723 1.745   -1.407  1.00 25.53 ? 15  DG  B C2    1 
ATOM   311 N  N2    . DG  B 1 7 ? -11.211 2.995   -1.347  1.00 28.34 ? 15  DG  B N2    1 
ATOM   312 N  N3    . DG  B 1 7 ? -10.946 0.908   -0.409  1.00 25.75 ? 15  DG  B N3    1 
ATOM   313 C  C4    . DG  B 1 7 ? -10.436 -0.319  -0.653  1.00 26.63 ? 15  DG  B C4    1 
ATOM   314 P  P     . DC  B 1 8 ? -14.503 -3.418  3.796   1.00 32.22 ? 16  DC  B P     1 
ATOM   315 O  OP1   . DC  B 1 8 ? -15.119 -3.563  5.139   1.00 37.80 ? 16  DC  B OP1   1 
ATOM   316 O  OP2   . DC  B 1 8 ? -14.311 -4.617  2.949   1.00 29.80 ? 16  DC  B OP2   1 
ATOM   317 O  "O5'" . DC  B 1 8 ? -15.359 -2.338  3.001   1.00 31.50 ? 16  DC  B "O5'" 1 
ATOM   318 C  "C5'" . DC  B 1 8 ? -15.606 -1.057  3.570   1.00 30.50 ? 16  DC  B "C5'" 1 
ATOM   319 C  "C4'" . DC  B 1 8 ? -15.933 -0.058  2.486   1.00 30.46 ? 16  DC  B "C4'" 1 
ATOM   320 O  "O4'" . DC  B 1 8 ? -14.821 0.084   1.580   1.00 28.69 ? 16  DC  B "O4'" 1 
ATOM   321 C  "C3'" . DC  B 1 8 ? -17.096 -0.446  1.584   1.00 29.34 ? 16  DC  B "C3'" 1 
ATOM   322 O  "O3'" . DC  B 1 8 ? -18.374 -0.246  2.206   1.00 30.06 ? 16  DC  B "O3'" 1 
ATOM   323 C  "C2'" . DC  B 1 8 ? -16.830 0.373   0.332   1.00 28.06 ? 16  DC  B "C2'" 1 
ATOM   324 C  "C1'" . DC  B 1 8 ? -15.319 0.657   0.376   1.00 27.25 ? 16  DC  B "C1'" 1 
ATOM   325 N  N1    . DC  B 1 8 ? -14.559 0.089   -0.756  1.00 24.64 ? 16  DC  B N1    1 
ATOM   326 C  C2    . DC  B 1 8 ? -14.078 0.958   -1.745  1.00 24.40 ? 16  DC  B C2    1 
ATOM   327 O  O2    . DC  B 1 8 ? -14.306 2.165   -1.642  1.00 25.84 ? 16  DC  B O2    1 
ATOM   328 N  N3    . DC  B 1 8 ? -13.380 0.455   -2.789  1.00 25.68 ? 16  DC  B N3    1 
ATOM   329 C  C4    . DC  B 1 8 ? -13.159 -0.858  -2.873  1.00 25.78 ? 16  DC  B C4    1 
ATOM   330 N  N4    . DC  B 1 8 ? -12.466 -1.307  -3.927  1.00 23.84 ? 16  DC  B N4    1 
ATOM   331 C  C5    . DC  B 1 8 ? -13.639 -1.771  -1.881  1.00 25.26 ? 16  DC  B C5    1 
ATOM   332 C  C6    . DC  B 1 8 ? -14.327 -1.256  -0.847  1.00 25.53 ? 16  DC  B C6    1 
HETATM 333 K  K     . K   C 2 . ? 5.824   4.835   -4.367  0.50 21.71 ? 127 K   A K     1 
HETATM 334 O  O     . HOH D 3 . ? -3.575  6.410   -7.918  1.00 18.50 ? 17  HOH A O     1 
HETATM 335 O  O     . HOH D 3 . ? 11.319  -9.816  2.927   1.00 29.42 ? 20  HOH A O     1 
HETATM 336 O  O     . HOH D 3 . ? 5.330   1.785   -4.510  1.00 24.11 ? 21  HOH A O     1 
HETATM 337 O  O     . HOH D 3 . ? 11.925  -7.414  -0.509  1.00 34.75 ? 24  HOH A O     1 
HETATM 338 O  O     . HOH D 3 . ? 16.638  -9.503  3.135   1.00 31.80 ? 26  HOH A O     1 
HETATM 339 O  O     . HOH D 3 . ? -2.325  2.863   -7.698  1.00 45.92 ? 28  HOH A O     1 
HETATM 340 O  O     . HOH D 3 . ? -14.144 11.636  -9.344  1.00 57.59 ? 30  HOH A O     1 
HETATM 341 O  O     . HOH D 3 . ? 0.387   4.820   -6.486  1.00 45.47 ? 34  HOH A O     1 
HETATM 342 O  O     . HOH D 3 . ? -1.389  8.163   -0.518  1.00 30.78 ? 36  HOH A O     1 
HETATM 343 O  O     . HOH D 3 . ? -6.355  7.705   -7.998  1.00 38.39 ? 37  HOH A O     1 
HETATM 344 O  O     . HOH D 3 . ? -5.371  10.578  -7.581  1.00 27.67 ? 40  HOH A O     1 
HETATM 345 O  O     . HOH D 3 . ? -3.615  4.242   8.221   1.00 60.83 ? 41  HOH A O     1 
HETATM 346 O  O     . HOH D 3 . ? 0.429   -6.698  4.998   1.00 44.57 ? 43  HOH A O     1 
HETATM 347 O  O     . HOH D 3 . ? -0.288  -1.408  7.291   1.00 43.48 ? 46  HOH A O     1 
HETATM 348 O  O     . HOH D 3 . ? -3.141  0.115   -3.641  1.00 37.02 ? 47  HOH A O     1 
HETATM 349 O  O     . HOH D 3 . ? -5.131  0.392   -6.263  1.00 40.45 ? 48  HOH A O     1 
HETATM 350 O  O     . HOH D 3 . ? -14.802 9.747   -2.692  1.00 52.23 ? 49  HOH A O     1 
HETATM 351 O  O     . HOH D 3 . ? -3.176  8.973   -5.771  1.00 32.10 ? 51  HOH A O     1 
HETATM 352 O  O     . HOH D 3 . ? -0.190  5.046   3.174   1.00 30.94 ? 53  HOH A O     1 
HETATM 353 O  O     . HOH D 3 . ? -3.965  13.599  -5.714  1.00 46.47 ? 54  HOH A O     1 
HETATM 354 O  O     . HOH D 3 . ? -5.786  14.910  -0.263  1.00 39.52 ? 57  HOH A O     1 
HETATM 355 O  O     . HOH D 3 . ? -10.288 0.114   -9.502  1.00 40.88 ? 58  HOH A O     1 
HETATM 356 O  O     . HOH D 3 . ? -3.406  7.480   7.267   1.00 50.30 ? 60  HOH A O     1 
HETATM 357 O  O     . HOH D 3 . ? -2.824  10.181  -2.225  1.00 36.11 ? 61  HOH A O     1 
HETATM 358 O  O     . HOH D 3 . ? -15.903 14.354  -10.407 1.00 60.84 ? 63  HOH A O     1 
HETATM 359 O  O     . HOH D 3 . ? 8.324   -14.011 3.322   1.00 54.76 ? 64  HOH A O     1 
HETATM 360 O  O     . HOH D 3 . ? -3.973  17.944  -2.650  1.00 50.98 ? 67  HOH A O     1 
HETATM 361 O  O     . HOH D 3 . ? -3.273  -9.202  6.356   1.00 36.39 ? 69  HOH A O     1 
HETATM 362 O  O     . HOH D 3 . ? -14.628 2.944   -14.626 1.00 52.51 ? 70  HOH A O     1 
HETATM 363 O  O     . HOH D 3 . ? -3.102  15.574  -3.871  1.00 32.58 ? 71  HOH A O     1 
HETATM 364 O  O     . HOH D 3 . ? -3.439  17.469  0.637   1.00 42.74 ? 72  HOH A O     1 
HETATM 365 O  O     . HOH D 3 . ? 9.678   -3.844  9.731   1.00 53.62 ? 73  HOH A O     1 
HETATM 366 O  O     . HOH D 3 . ? -5.397  11.729  1.695   1.00 55.79 ? 74  HOH A O     1 
HETATM 367 O  O     . HOH D 3 . ? -8.762  14.237  -9.233  1.00 55.08 ? 75  HOH A O     1 
HETATM 368 O  O     . HOH D 3 . ? -1.769  12.077  2.457   1.00 50.38 ? 78  HOH A O     1 
HETATM 369 O  O     . HOH D 3 . ? -12.879 4.204   -12.239 1.00 53.76 ? 82  HOH A O     1 
HETATM 370 O  O     . HOH D 3 . ? -18.333 13.796  -12.433 1.00 50.80 ? 83  HOH A O     1 
HETATM 371 O  O     . HOH D 3 . ? -6.101  -10.194 8.505   1.00 45.65 ? 86  HOH A O     1 
HETATM 372 O  O     . HOH D 3 . ? -3.517  -8.461  10.050  0.50 49.09 ? 89  HOH A O     1 
HETATM 373 O  O     . HOH D 3 . ? -7.126  2.872   7.257   1.00 61.94 ? 91  HOH A O     1 
HETATM 374 O  O     . HOH D 3 . ? -12.505 1.544   -10.515 1.00 36.23 ? 94  HOH A O     1 
HETATM 375 O  O     . HOH D 3 . ? -0.563  9.450   2.353   1.00 39.31 ? 97  HOH A O     1 
HETATM 376 O  O     . HOH D 3 . ? -3.596  12.674  -1.133  1.00 59.68 ? 98  HOH A O     1 
HETATM 377 O  O     . HOH D 3 . ? -5.045  18.939  3.079   1.00 41.47 ? 101 HOH A O     1 
HETATM 378 O  O     . HOH D 3 . ? 10.428  -8.600  -3.214  1.00 49.95 ? 102 HOH A O     1 
HETATM 379 O  O     . HOH D 3 . ? -6.783  -10.663 11.823  1.00 72.26 ? 103 HOH A O     1 
HETATM 380 O  O     . HOH D 3 . ? 1.998   -10.455 4.493   1.00 59.23 ? 104 HOH A O     1 
HETATM 381 O  O     . HOH D 3 . ? -1.461  -4.271  7.953   1.00 52.98 ? 110 HOH A O     1 
HETATM 382 O  O     . HOH D 3 . ? -11.456 8.797   -1.227  1.00 57.56 ? 111 HOH A O     1 
HETATM 383 O  O     . HOH D 3 . ? -11.370 0.019   -14.716 1.00 60.41 ? 113 HOH A O     1 
HETATM 384 O  O     . HOH D 3 . ? 6.554   -9.578  2.247   1.00 39.81 ? 116 HOH A O     1 
HETATM 385 O  O     . HOH D 3 . ? -4.842  6.841   10.560  1.00 76.08 ? 117 HOH A O     1 
HETATM 386 O  O     . HOH D 3 . ? -9.292  0.996   -13.411 1.00 46.94 ? 123 HOH A O     1 
HETATM 387 O  O     . HOH E 3 . ? 0.204   2.964   1.249   1.00 25.44 ? 18  HOH B O     1 
HETATM 388 O  O     . HOH E 3 . ? -19.625 1.564   -1.948  1.00 23.54 ? 19  HOH B O     1 
HETATM 389 O  O     . HOH E 3 . ? 15.269  1.661   -1.201  1.00 29.82 ? 22  HOH B O     1 
HETATM 390 O  O     . HOH E 3 . ? -20.109 1.997   1.146   1.00 47.75 ? 23  HOH B O     1 
HETATM 391 O  O     . HOH E 3 . ? 6.942   0.155   4.463   1.00 33.37 ? 25  HOH B O     1 
HETATM 392 O  O     . HOH E 3 . ? 8.144   0.679   -4.169  1.00 26.41 ? 27  HOH B O     1 
HETATM 393 O  O     . HOH E 3 . ? -10.499 5.913   1.271   1.00 31.05 ? 29  HOH B O     1 
HETATM 394 O  O     . HOH E 3 . ? -22.576 5.951   1.623   1.00 67.62 ? 31  HOH B O     1 
HETATM 395 O  O     . HOH E 3 . ? -6.396  -3.736  -1.780  1.00 38.41 ? 32  HOH B O     1 
HETATM 396 O  O     . HOH E 3 . ? -17.505 -4.749  5.078   1.00 55.00 ? 33  HOH B O     1 
HETATM 397 O  O     . HOH E 3 . ? -19.418 -2.588  3.667   1.00 44.43 ? 35  HOH B O     1 
HETATM 398 O  O     . HOH E 3 . ? 19.256  4.068   -0.233  1.00 55.95 ? 38  HOH B O     1 
HETATM 399 O  O     . HOH E 3 . ? 14.403  1.359   -4.312  1.00 34.91 ? 39  HOH B O     1 
HETATM 400 O  O     . HOH E 3 . ? -18.430 3.604   2.317   1.00 63.17 ? 42  HOH B O     1 
HETATM 401 O  O     . HOH E 3 . ? 2.601   -2.557  -3.936  1.00 47.27 ? 44  HOH B O     1 
HETATM 402 O  O     . HOH E 3 . ? 12.269  -0.551  -5.198  1.00 41.95 ? 45  HOH B O     1 
HETATM 403 O  O     . HOH E 3 . ? 15.111  5.235   -3.657  1.00 53.38 ? 50  HOH B O     1 
HETATM 404 O  O     . HOH E 3 . ? 19.416  -1.445  -5.362  1.00 48.80 ? 52  HOH B O     1 
HETATM 405 O  O     . HOH E 3 . ? -17.968 -7.594  3.586   0.50 49.73 ? 55  HOH B O     1 
HETATM 406 O  O     . HOH E 3 . ? -0.816  -4.883  1.463   1.00 42.55 ? 56  HOH B O     1 
HETATM 407 O  O     . HOH E 3 . ? 5.363   4.948   -7.178  1.00 48.12 ? 59  HOH B O     1 
HETATM 408 O  O     . HOH E 3 . ? -9.224  -1.947  -6.455  1.00 45.73 ? 62  HOH B O     1 
HETATM 409 O  O     . HOH E 3 . ? -3.502  -6.004  5.271   1.00 47.78 ? 65  HOH B O     1 
HETATM 410 O  O     . HOH E 3 . ? 6.314   3.547   -10.794 0.50 56.11 ? 66  HOH B O     1 
HETATM 411 O  O     . HOH E 3 . ? 4.832   -1.803  -4.957  1.00 49.98 ? 68  HOH B O     1 
HETATM 412 O  O     . HOH E 3 . ? -16.090 2.917   10.056  1.00 57.53 ? 76  HOH B O     1 
HETATM 413 O  O     . HOH E 3 . ? 6.043   -3.419  -8.726  1.00 52.29 ? 77  HOH B O     1 
HETATM 414 O  O     . HOH E 3 . ? -21.649 3.363   4.951   1.00 44.88 ? 79  HOH B O     1 
HETATM 415 O  O     . HOH E 3 . ? 3.490   1.887   -9.357  1.00 44.07 ? 80  HOH B O     1 
HETATM 416 O  O     . HOH E 3 . ? 2.135   4.957   -9.478  1.00 49.70 ? 81  HOH B O     1 
HETATM 417 O  O     . HOH E 3 . ? 7.424   -6.175  -7.403  0.50 36.53 ? 84  HOH B O     1 
HETATM 418 O  O     . HOH E 3 . ? 6.253   -12.127 -8.248  1.00 44.24 ? 85  HOH B O     1 
HETATM 419 O  O     . HOH E 3 . ? -0.334  -3.390  -4.706  1.00 57.12 ? 87  HOH B O     1 
HETATM 420 O  O     . HOH E 3 . ? -19.328 5.361   5.568   1.00 59.04 ? 88  HOH B O     1 
HETATM 421 O  O     . HOH E 3 . ? -14.182 -2.850  7.466   1.00 52.96 ? 90  HOH B O     1 
HETATM 422 O  O     . HOH E 3 . ? -4.751  -7.714  1.760   1.00 58.52 ? 92  HOH B O     1 
HETATM 423 O  O     . HOH E 3 . ? -10.375 -9.214  4.248   1.00 49.44 ? 93  HOH B O     1 
HETATM 424 O  O     . HOH E 3 . ? -14.931 -6.753  6.520   1.00 62.71 ? 95  HOH B O     1 
HETATM 425 O  O     . HOH E 3 . ? -21.609 3.136   -3.012  1.00 41.44 ? 96  HOH B O     1 
HETATM 426 O  O     . HOH E 3 . ? -9.132  -3.662  -4.092  1.00 51.37 ? 99  HOH B O     1 
HETATM 427 O  O     . HOH E 3 . ? -25.902 1.106   3.170   1.00 59.41 ? 100 HOH B O     1 
HETATM 428 O  O     . HOH E 3 . ? 2.463   -8.140  1.340   1.00 47.55 ? 105 HOH B O     1 
HETATM 429 O  O     . HOH E 3 . ? 4.661   -15.897 -8.035  1.00 61.56 ? 106 HOH B O     1 
HETATM 430 O  O     . HOH E 3 . ? 1.977   3.253   -7.640  1.00 73.39 ? 107 HOH B O     1 
HETATM 431 O  O     . HOH E 3 . ? 4.047   -5.947  -6.450  1.00 63.86 ? 108 HOH B O     1 
HETATM 432 O  O     . HOH E 3 . ? -23.777 3.120   -0.514  1.00 56.31 ? 109 HOH B O     1 
HETATM 433 O  O     . HOH E 3 . ? -11.385 -4.372  7.235   1.00 49.90 ? 112 HOH B O     1 
HETATM 434 O  O     . HOH E 3 . ? -18.740 2.941   8.695   1.00 62.74 ? 114 HOH B O     1 
HETATM 435 O  O     . HOH E 3 . ? -22.968 1.521   2.289   1.00 56.10 ? 115 HOH B O     1 
HETATM 436 O  O     . HOH E 3 . ? 17.649  3.245   -3.728  0.50 33.53 ? 118 HOH B O     1 
HETATM 437 O  O     . HOH E 3 . ? -19.187 0.845   6.497   1.00 57.48 ? 119 HOH B O     1 
HETATM 438 O  O     . HOH E 3 . ? -22.297 -2.998  6.774   1.00 63.96 ? 120 HOH B O     1 
HETATM 439 O  O     . HOH E 3 . ? -21.618 -0.243  4.816   1.00 75.49 ? 121 HOH B O     1 
HETATM 440 O  O     . HOH E 3 . ? 1.440   -2.120  -7.753  1.00 64.46 ? 122 HOH B O     1 
HETATM 441 O  O     . HOH E 3 . ? 7.261   2.055   -7.628  1.00 50.85 ? 124 HOH B O     1 
HETATM 442 O  O     . HOH E 3 . ? 1.400   0.856   -7.143  1.00 59.80 ? 125 HOH B O     1 
HETATM 443 O  O     . HOH E 3 . ? -16.495 1.860   5.323   1.00 51.27 ? 126 HOH B O     1 
# 
